data_8FV7
#
_entry.id   8FV7
#
_cell.length_a   158.982
_cell.length_b   108.456
_cell.length_c   128.900
_cell.angle_alpha   90.000
_cell.angle_beta   90.000
_cell.angle_gamma   90.000
#
_symmetry.space_group_name_H-M   'P 21 21 2'
#
loop_
_entity.id
_entity.type
_entity.pdbx_description
1 polymer 'CTP synthase'
2 non-polymer "ADENOSINE-5'-TRIPHOSPHATE"
3 non-polymer 'SODIUM ION'
4 non-polymer "2'-deoxy-2',2'-difluorocytidine 5'-(tetrahydrogen triphosphate)"
5 water water
#
_entity_poly.entity_id   1
_entity_poly.type   'polypeptide(L)'
_entity_poly.pdbx_seq_one_letter_code
;MTTNYIFVTGGVVSSLGKGIAAASLAAILEARGLNVTIMKLDPYINVDPGTMSPIQHGEVFVTEDGAETDLDLGHYERFI
RTKMSRRNNFTTGRIYSDVLRKERRGDYLGATVQVIPHITNAIKERVLEGGEGHDVVLVEIGGTVGDIESLPFLEAIRQM
AVEIGREHTLFMHLTLVPYMAASGEVKTKPTQHSVKELLSIGIQPDILICRSDRAVPANERAKIALFCNVPEKAVISLKD
VDSIYKIPGLLKSQGLDDYICKRFSLNCPEANLSEWEQVIFEEANPVSEVTIGMVGKYIELPDAYKSVIEALKHGGLKNR
VSVNIKLIDSQDVETRGVEILKGLDAILVPGGFGYRGVEGMITTARFARENNIPYLGICLGMQVALIDYARHVANMENAN
STEFVPDCKYPVVALITEWRDENGNVEVRSEKSDLGGTMRLGAQQCQLVDDSLVRQLYNAPTIVERHRHRYEVNNMLLKQ
IEDAGLRVAGRSGDDQLVEIIEVPNHPWFVACQFHPEFTSTPRDGHPLFAGFVKAASEFQKRQAK
;
_entity_poly.pdbx_strand_id   AAA,BBB
#
# COMPACT_ATOMS: atom_id res chain seq x y z
N MET A 1 20.73 -6.19 -38.14
CA MET A 1 20.54 -6.60 -36.72
C MET A 1 19.08 -7.01 -36.49
N THR A 2 18.87 -8.13 -35.80
CA THR A 2 17.53 -8.66 -35.40
C THR A 2 16.85 -7.66 -34.46
N THR A 3 15.56 -7.41 -34.67
CA THR A 3 14.72 -6.58 -33.76
C THR A 3 14.55 -7.32 -32.43
N ASN A 4 14.77 -6.63 -31.31
CA ASN A 4 14.60 -7.17 -29.93
C ASN A 4 13.29 -6.65 -29.34
N TYR A 5 12.63 -7.46 -28.52
CA TYR A 5 11.33 -7.14 -27.88
C TYR A 5 11.45 -7.21 -26.36
N ILE A 6 10.95 -6.18 -25.67
CA ILE A 6 10.75 -6.16 -24.21
C ILE A 6 9.24 -6.13 -23.97
N PHE A 7 8.67 -7.24 -23.51
CA PHE A 7 7.24 -7.36 -23.15
C PHE A 7 7.09 -6.87 -21.71
N VAL A 8 6.32 -5.79 -21.53
CA VAL A 8 6.09 -5.13 -20.22
C VAL A 8 4.69 -5.50 -19.74
N THR A 9 4.61 -6.24 -18.64
CA THR A 9 3.35 -6.72 -18.02
C THR A 9 3.26 -6.15 -16.61
N GLY A 10 2.06 -6.17 -16.03
CA GLY A 10 1.79 -5.69 -14.66
C GLY A 10 1.08 -6.76 -13.85
N GLY A 11 1.46 -6.89 -12.58
CA GLY A 11 0.85 -7.83 -11.63
C GLY A 11 0.35 -7.11 -10.40
N VAL A 12 -0.48 -7.79 -9.61
CA VAL A 12 -1.04 -7.34 -8.29
C VAL A 12 -2.17 -6.33 -8.53
N VAL A 13 -1.86 -5.18 -9.14
CA VAL A 13 -2.83 -4.06 -9.35
C VAL A 13 -2.55 -3.39 -10.71
N SER A 14 -3.52 -2.64 -11.21
CA SER A 14 -3.37 -1.65 -12.31
C SER A 14 -2.98 -0.29 -11.69
N SER A 15 -2.91 0.77 -12.50
CA SER A 15 -2.44 2.12 -12.09
C SER A 15 -1.03 2.02 -11.51
N LEU A 16 -0.23 1.09 -12.04
CA LEU A 16 1.03 0.57 -11.44
C LEU A 16 2.24 1.36 -11.97
N GLY A 17 2.13 1.92 -13.18
CA GLY A 17 3.20 2.70 -13.84
C GLY A 17 3.81 1.98 -15.04
N LYS A 18 3.07 1.04 -15.66
CA LYS A 18 3.55 0.25 -16.83
C LYS A 18 4.00 1.19 -17.95
N GLY A 19 3.15 2.16 -18.31
CA GLY A 19 3.40 3.12 -19.41
C GLY A 19 4.61 4.01 -19.14
N ILE A 20 4.69 4.57 -17.93
CA ILE A 20 5.80 5.46 -17.49
C ILE A 20 7.11 4.65 -17.44
N ALA A 21 7.07 3.45 -16.87
CA ALA A 21 8.22 2.53 -16.77
C ALA A 21 8.74 2.19 -18.17
N ALA A 22 7.86 1.85 -19.10
CA ALA A 22 8.19 1.52 -20.51
C ALA A 22 8.80 2.75 -21.18
N ALA A 23 8.15 3.92 -21.05
CA ALA A 23 8.59 5.20 -21.64
C ALA A 23 9.95 5.58 -21.05
N SER A 24 10.12 5.42 -19.74
CA SER A 24 11.38 5.76 -19.01
C SER A 24 12.52 4.86 -19.47
N LEU A 25 12.29 3.55 -19.62
CA LEU A 25 13.31 2.59 -20.09
C LEU A 25 13.66 2.90 -21.55
N ALA A 26 12.67 3.23 -22.37
CA ALA A 26 12.86 3.60 -23.79
C ALA A 26 13.76 4.85 -23.89
N ALA A 27 13.54 5.84 -23.01
CA ALA A 27 14.34 7.08 -22.92
C ALA A 27 15.81 6.75 -22.65
N ILE A 28 16.10 5.81 -21.75
CA ILE A 28 17.49 5.38 -21.43
C ILE A 28 18.11 4.77 -22.69
N LEU A 29 17.39 3.86 -23.36
CA LEU A 29 17.89 3.12 -24.53
C LEU A 29 18.09 4.08 -25.72
N GLU A 30 17.19 5.04 -25.93
CA GLU A 30 17.34 6.08 -26.97
C GLU A 30 18.60 6.92 -26.68
N ALA A 31 18.87 7.19 -25.39
CA ALA A 31 20.02 7.97 -24.90
C ALA A 31 21.33 7.17 -25.04
N ARG A 32 21.25 5.90 -25.46
CA ARG A 32 22.43 5.04 -25.77
C ARG A 32 22.61 4.95 -27.29
N GLY A 33 21.82 5.70 -28.06
CA GLY A 33 21.91 5.77 -29.53
C GLY A 33 21.08 4.71 -30.24
N LEU A 34 20.31 3.91 -29.50
CA LEU A 34 19.50 2.80 -30.07
C LEU A 34 18.23 3.38 -30.73
N ASN A 35 17.80 2.76 -31.83
CA ASN A 35 16.49 3.03 -32.48
C ASN A 35 15.42 2.24 -31.72
N VAL A 36 14.60 2.94 -30.93
CA VAL A 36 13.62 2.33 -29.98
CA VAL A 36 13.61 2.30 -30.00
C VAL A 36 12.22 2.83 -30.33
N THR A 37 11.21 1.99 -30.10
CA THR A 37 9.78 2.37 -30.17
C THR A 37 9.02 1.63 -29.07
N ILE A 38 7.79 2.07 -28.81
CA ILE A 38 6.88 1.49 -27.78
C ILE A 38 5.51 1.29 -28.43
N MET A 39 4.79 0.24 -28.02
CA MET A 39 3.38 0.06 -28.43
CA MET A 39 3.40 -0.05 -28.45
C MET A 39 2.55 -0.37 -27.22
N LYS A 40 1.28 0.01 -27.23
CA LYS A 40 0.32 -0.27 -26.14
C LYS A 40 -0.73 -1.26 -26.65
N LEU A 41 -0.85 -2.40 -25.99
CA LEU A 41 -1.91 -3.42 -26.22
C LEU A 41 -2.96 -3.26 -25.12
N ASP A 42 -4.13 -2.72 -25.48
CA ASP A 42 -5.24 -2.43 -24.54
C ASP A 42 -6.25 -3.56 -24.61
N PRO A 43 -6.65 -4.16 -23.46
CA PRO A 43 -7.58 -5.29 -23.46
C PRO A 43 -9.08 -4.91 -23.56
N TYR A 44 -9.42 -3.63 -23.73
CA TYR A 44 -10.85 -3.21 -23.82
C TYR A 44 -11.36 -3.51 -25.24
N ILE A 45 -12.68 -3.57 -25.37
CA ILE A 45 -13.40 -4.09 -26.57
C ILE A 45 -13.67 -2.94 -27.55
N ASN A 46 -13.59 -1.69 -27.11
CA ASN A 46 -13.68 -0.50 -28.00
C ASN A 46 -12.68 -0.69 -29.16
N VAL A 47 -13.12 -0.53 -30.40
CA VAL A 47 -12.23 -0.69 -31.59
C VAL A 47 -11.07 0.30 -31.46
N ASP A 48 -11.36 1.50 -30.92
CA ASP A 48 -10.36 2.52 -30.53
C ASP A 48 -11.01 3.49 -29.56
N PRO A 49 -10.22 4.34 -28.85
CA PRO A 49 -10.79 5.33 -27.93
C PRO A 49 -11.55 6.50 -28.56
N GLY A 50 -11.66 6.56 -29.88
CA GLY A 50 -12.35 7.64 -30.63
C GLY A 50 -13.68 8.03 -30.01
N THR A 51 -14.47 7.04 -29.56
CA THR A 51 -15.85 7.21 -29.04
C THR A 51 -15.90 7.26 -27.51
N MET A 52 -14.76 7.03 -26.85
N MET A 52 -14.74 7.07 -26.87
CA MET A 52 -14.66 6.85 -25.37
CA MET A 52 -14.59 6.90 -25.40
C MET A 52 -14.71 8.21 -24.66
C MET A 52 -14.75 8.25 -24.69
N SER A 53 -15.41 8.26 -23.53
CA SER A 53 -15.62 9.48 -22.69
C SER A 53 -14.32 9.85 -21.98
N PRO A 54 -13.88 11.14 -22.03
CA PRO A 54 -12.74 11.60 -21.25
C PRO A 54 -12.85 11.33 -19.74
N ILE A 55 -14.05 11.48 -19.18
CA ILE A 55 -14.38 11.31 -17.73
C ILE A 55 -14.07 9.87 -17.29
N GLN A 56 -14.24 8.90 -18.19
CA GLN A 56 -14.16 7.44 -17.89
C GLN A 56 -12.72 6.94 -18.10
N HIS A 57 -12.08 7.36 -19.18
CA HIS A 57 -10.85 6.76 -19.77
C HIS A 57 -9.62 7.66 -19.61
N GLY A 58 -9.82 8.97 -19.49
CA GLY A 58 -8.76 9.99 -19.66
C GLY A 58 -8.75 10.51 -21.08
N GLU A 59 -7.77 11.35 -21.41
CA GLU A 59 -7.71 12.09 -22.71
C GLU A 59 -7.60 11.09 -23.86
N VAL A 60 -8.19 11.44 -25.00
CA VAL A 60 -7.93 10.77 -26.31
C VAL A 60 -6.70 11.45 -26.92
N PHE A 61 -5.56 10.75 -26.94
CA PHE A 61 -4.31 11.22 -27.59
C PHE A 61 -4.45 11.06 -29.09
N VAL A 62 -3.90 12.01 -29.86
CA VAL A 62 -3.95 12.03 -31.35
C VAL A 62 -2.51 12.02 -31.87
N THR A 63 -2.19 11.05 -32.73
CA THR A 63 -0.88 10.90 -33.39
C THR A 63 -0.84 11.77 -34.66
N GLU A 64 0.34 11.95 -35.23
CA GLU A 64 0.55 12.73 -36.49
C GLU A 64 -0.40 12.21 -37.57
N ASP A 65 -0.54 10.89 -37.69
CA ASP A 65 -1.31 10.22 -38.78
C ASP A 65 -2.81 10.29 -38.50
N GLY A 66 -3.23 10.83 -37.36
CA GLY A 66 -4.64 11.10 -37.02
C GLY A 66 -5.32 9.94 -36.32
N ALA A 67 -4.55 8.99 -35.77
CA ALA A 67 -5.08 7.87 -34.94
C ALA A 67 -5.52 8.43 -33.58
N GLU A 68 -6.69 8.01 -33.11
CA GLU A 68 -7.19 8.28 -31.74
C GLU A 68 -6.73 7.11 -30.86
N THR A 69 -5.90 7.38 -29.86
CA THR A 69 -5.12 6.35 -29.14
C THR A 69 -5.20 6.56 -27.63
N ASP A 70 -4.72 5.57 -26.86
CA ASP A 70 -4.56 5.64 -25.39
C ASP A 70 -3.62 6.78 -25.05
N LEU A 71 -3.81 7.43 -23.89
CA LEU A 71 -2.99 8.57 -23.44
C LEU A 71 -1.53 8.12 -23.19
N ASP A 72 -1.28 6.82 -23.01
CA ASP A 72 0.09 6.26 -22.84
C ASP A 72 0.98 6.69 -24.02
N LEU A 73 0.43 6.81 -25.22
CA LEU A 73 1.21 7.21 -26.42
C LEU A 73 1.68 8.66 -26.26
N GLY A 74 0.95 9.47 -25.47
CA GLY A 74 1.38 10.79 -25.00
C GLY A 74 2.63 10.69 -24.14
N HIS A 75 2.65 9.76 -23.17
CA HIS A 75 3.85 9.45 -22.35
C HIS A 75 5.01 9.08 -23.27
N TYR A 76 4.76 8.19 -24.24
CA TYR A 76 5.80 7.67 -25.16
C TYR A 76 6.48 8.86 -25.87
N GLU A 77 5.69 9.74 -26.49
CA GLU A 77 6.21 10.88 -27.31
C GLU A 77 6.93 11.89 -26.41
N ARG A 78 6.59 11.96 -25.11
CA ARG A 78 7.22 12.90 -24.15
C ARG A 78 8.54 12.33 -23.62
N PHE A 79 8.81 11.03 -23.82
CA PHE A 79 10.02 10.34 -23.31
C PHE A 79 10.99 9.97 -24.45
N ILE A 80 10.49 9.74 -25.66
CA ILE A 80 11.34 9.41 -26.85
C ILE A 80 10.88 10.25 -28.04
N ARG A 81 11.76 10.40 -29.03
CA ARG A 81 11.56 11.29 -30.21
C ARG A 81 11.07 10.47 -31.41
N THR A 82 10.89 9.16 -31.24
CA THR A 82 10.19 8.30 -32.24
C THR A 82 8.72 8.74 -32.27
N LYS A 83 8.19 9.08 -33.45
CA LYS A 83 6.79 9.52 -33.63
C LYS A 83 5.89 8.29 -33.58
N MET A 84 4.80 8.36 -32.80
CA MET A 84 3.80 7.28 -32.69
C MET A 84 2.84 7.39 -33.89
N SER A 85 2.26 6.26 -34.28
CA SER A 85 1.21 6.16 -35.33
C SER A 85 0.15 5.15 -34.88
N ARG A 86 -0.80 4.82 -35.76
CA ARG A 86 -1.86 3.81 -35.51
C ARG A 86 -1.26 2.46 -35.07
N ARG A 87 -0.09 2.10 -35.62
N ARG A 87 -0.09 2.10 -35.61
CA ARG A 87 0.58 0.79 -35.39
CA ARG A 87 0.58 0.79 -35.40
C ARG A 87 1.08 0.66 -33.95
C ARG A 87 1.17 0.68 -33.98
N ASN A 88 1.13 1.77 -33.19
CA ASN A 88 1.71 1.79 -31.81
C ASN A 88 0.62 1.58 -30.76
N ASN A 89 -0.63 1.36 -31.16
CA ASN A 89 -1.74 1.15 -30.20
C ASN A 89 -2.83 0.33 -30.90
N PHE A 90 -3.28 -0.75 -30.27
CA PHE A 90 -4.44 -1.55 -30.74
C PHE A 90 -5.08 -2.25 -29.54
N THR A 91 -6.38 -2.52 -29.67
CA THR A 91 -7.27 -3.03 -28.61
C THR A 91 -7.69 -4.46 -28.97
N THR A 92 -8.21 -5.21 -28.00
CA THR A 92 -8.88 -6.51 -28.22
C THR A 92 -9.98 -6.31 -29.28
N GLY A 93 -10.74 -5.22 -29.20
CA GLY A 93 -11.81 -4.86 -30.15
C GLY A 93 -11.31 -4.86 -31.58
N ARG A 94 -10.20 -4.17 -31.84
CA ARG A 94 -9.52 -4.09 -33.16
C ARG A 94 -9.21 -5.51 -33.67
N ILE A 95 -8.62 -6.35 -32.81
CA ILE A 95 -8.16 -7.73 -33.13
C ILE A 95 -9.39 -8.56 -33.54
N TYR A 96 -10.43 -8.61 -32.70
CA TYR A 96 -11.66 -9.41 -32.95
C TYR A 96 -12.38 -8.87 -34.19
N SER A 97 -12.44 -7.55 -34.36
N SER A 97 -12.45 -7.54 -34.35
CA SER A 97 -13.06 -6.88 -35.53
CA SER A 97 -13.05 -6.86 -35.53
C SER A 97 -12.38 -7.35 -36.82
C SER A 97 -12.39 -7.36 -36.81
N ASP A 98 -11.05 -7.32 -36.85
CA ASP A 98 -10.24 -7.74 -38.02
C ASP A 98 -10.45 -9.23 -38.31
N VAL A 99 -10.38 -10.09 -37.29
CA VAL A 99 -10.53 -11.58 -37.43
C VAL A 99 -11.96 -11.89 -37.90
N LEU A 100 -12.97 -11.22 -37.36
CA LEU A 100 -14.40 -11.41 -37.73
C LEU A 100 -14.63 -11.03 -39.20
N ARG A 101 -13.98 -9.96 -39.68
CA ARG A 101 -14.12 -9.49 -41.09
C ARG A 101 -13.44 -10.50 -42.02
N LYS A 102 -12.24 -10.96 -41.68
CA LYS A 102 -11.50 -12.02 -42.43
C LYS A 102 -12.35 -13.30 -42.47
N GLU A 103 -13.06 -13.62 -41.39
CA GLU A 103 -13.87 -14.86 -41.26
C GLU A 103 -15.12 -14.77 -42.15
N ARG A 104 -15.93 -13.72 -41.97
CA ARG A 104 -17.20 -13.49 -42.71
C ARG A 104 -16.92 -13.39 -44.21
N ARG A 105 -15.75 -12.86 -44.60
CA ARG A 105 -15.29 -12.75 -46.01
C ARG A 105 -14.99 -14.16 -46.56
N GLY A 106 -14.24 -14.97 -45.81
CA GLY A 106 -13.88 -16.36 -46.16
C GLY A 106 -12.38 -16.60 -46.24
N ASP A 107 -11.57 -15.75 -45.59
CA ASP A 107 -10.08 -15.81 -45.64
C ASP A 107 -9.56 -17.07 -44.95
N TYR A 108 -10.32 -17.65 -44.01
CA TYR A 108 -9.89 -18.81 -43.18
C TYR A 108 -10.30 -20.14 -43.82
N LEU A 109 -10.95 -20.10 -44.99
CA LEU A 109 -11.17 -21.27 -45.89
C LEU A 109 -11.90 -22.39 -45.13
N GLY A 110 -12.94 -22.05 -44.38
CA GLY A 110 -13.82 -23.01 -43.70
C GLY A 110 -13.24 -23.54 -42.39
N ALA A 111 -12.05 -23.08 -41.98
CA ALA A 111 -11.40 -23.47 -40.71
C ALA A 111 -12.26 -22.98 -39.54
N THR A 112 -12.22 -23.71 -38.41
CA THR A 112 -12.73 -23.23 -37.10
C THR A 112 -11.79 -22.11 -36.65
N VAL A 113 -12.31 -20.89 -36.49
CA VAL A 113 -11.51 -19.73 -36.03
C VAL A 113 -11.50 -19.76 -34.49
N GLN A 114 -10.30 -19.79 -33.91
CA GLN A 114 -10.05 -20.09 -32.49
C GLN A 114 -9.21 -18.96 -31.88
N VAL A 115 -9.29 -18.77 -30.56
CA VAL A 115 -8.41 -17.84 -29.81
C VAL A 115 -6.95 -18.15 -30.19
N ILE A 116 -6.60 -19.44 -30.23
CA ILE A 116 -5.29 -19.94 -30.75
C ILE A 116 -5.60 -20.91 -31.88
N PRO A 117 -5.09 -20.71 -33.13
CA PRO A 117 -4.10 -19.67 -33.43
C PRO A 117 -4.55 -18.31 -34.00
N HIS A 118 -5.84 -18.11 -34.29
CA HIS A 118 -6.33 -16.99 -35.15
C HIS A 118 -6.24 -15.64 -34.43
N ILE A 119 -6.75 -15.55 -33.19
CA ILE A 119 -6.67 -14.29 -32.39
C ILE A 119 -5.20 -14.02 -32.06
N THR A 120 -4.45 -15.03 -31.60
CA THR A 120 -3.04 -14.88 -31.19
C THR A 120 -2.19 -14.49 -32.40
N ASN A 121 -2.44 -15.08 -33.57
CA ASN A 121 -1.72 -14.75 -34.83
C ASN A 121 -1.94 -13.28 -35.20
N ALA A 122 -3.18 -12.78 -35.05
CA ALA A 122 -3.55 -11.39 -35.38
C ALA A 122 -2.81 -10.43 -34.44
N ILE A 123 -2.67 -10.79 -33.17
CA ILE A 123 -1.91 -9.99 -32.15
C ILE A 123 -0.44 -9.93 -32.56
N LYS A 124 0.17 -11.10 -32.81
CA LYS A 124 1.61 -11.23 -33.17
C LYS A 124 1.89 -10.41 -34.44
N GLU A 125 1.01 -10.48 -35.43
CA GLU A 125 1.17 -9.77 -36.74
C GLU A 125 1.24 -8.26 -36.50
N ARG A 126 0.38 -7.72 -35.61
CA ARG A 126 0.34 -6.27 -35.31
C ARG A 126 1.57 -5.87 -34.48
N VAL A 127 2.06 -6.74 -33.58
CA VAL A 127 3.28 -6.48 -32.77
C VAL A 127 4.49 -6.40 -33.73
N LEU A 128 4.63 -7.36 -34.65
CA LEU A 128 5.74 -7.39 -35.64
C LEU A 128 5.67 -6.14 -36.54
N GLU A 129 4.48 -5.78 -37.00
CA GLU A 129 4.25 -4.59 -37.88
C GLU A 129 4.75 -3.33 -37.17
N GLY A 130 4.40 -3.15 -35.90
CA GLY A 130 4.81 -1.99 -35.07
C GLY A 130 6.29 -2.01 -34.75
N GLY A 131 6.89 -3.20 -34.65
CA GLY A 131 8.26 -3.39 -34.16
C GLY A 131 9.31 -3.36 -35.26
N GLU A 132 8.94 -3.74 -36.49
CA GLU A 132 9.84 -3.89 -37.67
C GLU A 132 10.72 -2.64 -37.85
N GLY A 133 12.04 -2.83 -37.97
CA GLY A 133 13.01 -1.77 -38.31
C GLY A 133 13.43 -0.95 -37.10
N HIS A 134 13.37 -1.55 -35.90
CA HIS A 134 13.84 -0.96 -34.62
C HIS A 134 14.82 -1.93 -33.96
N ASP A 135 15.77 -1.40 -33.18
CA ASP A 135 16.73 -2.20 -32.37
C ASP A 135 15.96 -2.87 -31.23
N VAL A 136 15.13 -2.09 -30.52
CA VAL A 136 14.37 -2.54 -29.31
C VAL A 136 12.94 -2.03 -29.43
N VAL A 137 11.97 -2.92 -29.24
CA VAL A 137 10.51 -2.62 -29.22
C VAL A 137 9.96 -2.97 -27.84
N LEU A 138 9.50 -1.98 -27.09
CA LEU A 138 8.82 -2.19 -25.79
C LEU A 138 7.32 -2.36 -26.05
N VAL A 139 6.77 -3.48 -25.62
CA VAL A 139 5.35 -3.87 -25.84
C VAL A 139 4.63 -3.87 -24.49
N GLU A 140 3.88 -2.79 -24.22
CA GLU A 140 3.13 -2.62 -22.95
C GLU A 140 1.82 -3.40 -23.06
N ILE A 141 1.64 -4.39 -22.19
CA ILE A 141 0.40 -5.22 -22.11
C ILE A 141 -0.49 -4.58 -21.05
N GLY A 142 -1.60 -3.98 -21.49
CA GLY A 142 -2.63 -3.44 -20.59
C GLY A 142 -3.27 -4.53 -19.77
N GLY A 143 -3.89 -4.16 -18.64
CA GLY A 143 -4.54 -5.10 -17.70
C GLY A 143 -3.55 -5.63 -16.69
N THR A 144 -4.01 -6.56 -15.85
CA THR A 144 -3.23 -7.18 -14.76
C THR A 144 -3.14 -8.68 -15.02
N VAL A 145 -1.93 -9.24 -14.92
CA VAL A 145 -1.69 -10.70 -15.07
C VAL A 145 -2.57 -11.43 -14.06
N GLY A 146 -3.32 -12.44 -14.52
CA GLY A 146 -4.29 -13.18 -13.70
C GLY A 146 -5.73 -12.86 -14.10
N ASP A 147 -5.94 -11.76 -14.81
CA ASP A 147 -7.29 -11.35 -15.30
C ASP A 147 -7.55 -12.02 -16.65
N ILE A 148 -8.83 -12.23 -16.97
CA ILE A 148 -9.31 -12.87 -18.22
C ILE A 148 -8.89 -12.03 -19.44
N GLU A 149 -9.01 -10.70 -19.33
CA GLU A 149 -9.06 -9.78 -20.50
C GLU A 149 -7.73 -9.76 -21.28
N SER A 150 -6.59 -10.04 -20.63
CA SER A 150 -5.24 -9.91 -21.23
CA SER A 150 -5.25 -9.91 -21.25
C SER A 150 -4.65 -11.28 -21.62
N LEU A 151 -5.36 -12.37 -21.34
CA LEU A 151 -4.82 -13.75 -21.56
C LEU A 151 -4.42 -13.95 -23.03
N PRO A 152 -5.23 -13.53 -24.03
CA PRO A 152 -4.83 -13.70 -25.43
C PRO A 152 -3.52 -12.97 -25.76
N PHE A 153 -3.36 -11.74 -25.26
CA PHE A 153 -2.12 -10.95 -25.40
C PHE A 153 -0.93 -11.71 -24.81
N LEU A 154 -1.10 -12.28 -23.61
CA LEU A 154 -0.03 -12.98 -22.86
C LEU A 154 0.34 -14.27 -23.59
N GLU A 155 -0.64 -15.01 -24.11
CA GLU A 155 -0.41 -16.25 -24.90
C GLU A 155 0.33 -15.88 -26.19
N ALA A 156 -0.04 -14.77 -26.84
CA ALA A 156 0.57 -14.27 -28.10
C ALA A 156 2.05 -13.97 -27.88
N ILE A 157 2.39 -13.20 -26.84
CA ILE A 157 3.80 -12.79 -26.57
C ILE A 157 4.61 -14.01 -26.10
N ARG A 158 3.97 -14.99 -25.42
CA ARG A 158 4.64 -16.26 -25.04
C ARG A 158 5.11 -16.96 -26.32
N GLN A 159 4.22 -17.09 -27.31
CA GLN A 159 4.52 -17.72 -28.62
C GLN A 159 5.65 -16.96 -29.32
N MET A 160 5.57 -15.62 -29.33
CA MET A 160 6.58 -14.74 -29.98
C MET A 160 7.96 -15.02 -29.38
N ALA A 161 8.05 -15.07 -28.05
CA ALA A 161 9.32 -15.30 -27.30
C ALA A 161 9.96 -16.62 -27.77
N VAL A 162 9.15 -17.68 -27.91
CA VAL A 162 9.62 -19.02 -28.36
C VAL A 162 10.12 -18.91 -29.81
N GLU A 163 9.27 -18.39 -30.71
CA GLU A 163 9.55 -18.24 -32.17
C GLU A 163 10.83 -17.43 -32.40
N ILE A 164 10.88 -16.21 -31.87
CA ILE A 164 11.97 -15.22 -32.10
C ILE A 164 13.22 -15.68 -31.33
N GLY A 165 13.06 -16.25 -30.14
CA GLY A 165 14.16 -16.74 -29.29
C GLY A 165 14.39 -15.81 -28.11
N ARG A 166 14.97 -16.37 -27.03
CA ARG A 166 15.17 -15.62 -25.77
CA ARG A 166 15.22 -15.67 -25.74
C ARG A 166 16.41 -14.70 -25.89
N GLU A 167 17.17 -14.83 -26.98
CA GLU A 167 18.33 -13.96 -27.28
C GLU A 167 17.83 -12.58 -27.75
N HIS A 168 16.58 -12.47 -28.19
CA HIS A 168 15.99 -11.22 -28.74
C HIS A 168 14.63 -10.88 -28.12
N THR A 169 14.26 -11.52 -26.99
CA THR A 169 13.00 -11.25 -26.25
C THR A 169 13.28 -11.29 -24.75
N LEU A 170 12.72 -10.32 -24.02
CA LEU A 170 12.75 -10.23 -22.53
C LEU A 170 11.34 -9.98 -22.03
N PHE A 171 10.99 -10.55 -20.87
CA PHE A 171 9.74 -10.29 -20.14
C PHE A 171 10.06 -9.42 -18.92
N MET A 172 9.52 -8.20 -18.90
CA MET A 172 9.68 -7.23 -17.80
C MET A 172 8.33 -7.08 -17.10
N HIS A 173 8.24 -7.52 -15.85
CA HIS A 173 6.98 -7.60 -15.07
C HIS A 173 7.03 -6.59 -13.91
N LEU A 174 6.08 -5.66 -13.88
CA LEU A 174 5.86 -4.72 -12.75
C LEU A 174 4.99 -5.42 -11.71
N THR A 175 5.29 -5.23 -10.43
CA THR A 175 4.47 -5.70 -9.28
C THR A 175 4.41 -4.57 -8.24
N LEU A 176 3.45 -4.67 -7.32
CA LEU A 176 3.31 -3.77 -6.17
C LEU A 176 3.98 -4.43 -4.96
N VAL A 177 4.87 -3.70 -4.29
CA VAL A 177 5.48 -4.09 -2.98
C VAL A 177 4.92 -3.12 -1.95
N PRO A 178 3.74 -3.42 -1.36
CA PRO A 178 3.06 -2.49 -0.45
C PRO A 178 3.74 -2.38 0.91
N TYR A 179 3.60 -1.22 1.55
CA TYR A 179 4.08 -0.92 2.92
C TYR A 179 2.96 -1.23 3.92
N MET A 180 3.28 -1.95 5.00
CA MET A 180 2.38 -2.24 6.14
C MET A 180 2.78 -1.34 7.31
N ALA A 181 1.94 -0.35 7.65
CA ALA A 181 2.19 0.67 8.71
C ALA A 181 2.57 0.00 10.03
N ALA A 182 1.80 -1.01 10.46
CA ALA A 182 1.89 -1.62 11.81
C ALA A 182 3.26 -2.27 12.04
N SER A 183 3.78 -3.00 11.05
CA SER A 183 5.06 -3.74 11.12
C SER A 183 6.21 -2.91 10.51
N GLY A 184 5.88 -1.84 9.78
CA GLY A 184 6.86 -0.93 9.16
C GLY A 184 7.73 -1.62 8.11
N GLU A 185 7.17 -2.59 7.38
CA GLU A 185 7.89 -3.40 6.36
C GLU A 185 7.15 -3.29 5.02
N VAL A 186 7.89 -3.33 3.91
CA VAL A 186 7.35 -3.52 2.54
C VAL A 186 7.28 -5.03 2.28
N LYS A 187 6.26 -5.49 1.54
CA LYS A 187 5.86 -6.91 1.46
C LYS A 187 6.08 -7.45 0.04
N THR A 188 6.88 -8.51 -0.09
CA THR A 188 7.25 -9.17 -1.37
C THR A 188 6.21 -10.23 -1.74
N LYS A 189 5.31 -10.60 -0.83
CA LYS A 189 4.38 -11.74 -1.01
C LYS A 189 3.55 -11.53 -2.28
N PRO A 190 2.93 -10.34 -2.52
CA PRO A 190 2.19 -10.11 -3.76
C PRO A 190 3.03 -10.35 -5.02
N THR A 191 4.31 -9.96 -5.00
CA THR A 191 5.28 -10.20 -6.10
C THR A 191 5.45 -11.71 -6.29
N GLN A 192 5.64 -12.46 -5.19
CA GLN A 192 5.84 -13.92 -5.22
C GLN A 192 4.63 -14.57 -5.91
N HIS A 193 3.41 -14.17 -5.53
CA HIS A 193 2.14 -14.78 -6.04
C HIS A 193 1.90 -14.35 -7.49
N SER A 194 2.20 -13.10 -7.84
CA SER A 194 1.99 -12.54 -9.21
C SER A 194 2.90 -13.26 -10.20
N VAL A 195 4.17 -13.49 -9.83
CA VAL A 195 5.15 -14.22 -10.68
C VAL A 195 4.67 -15.65 -10.92
N LYS A 196 4.12 -16.32 -9.91
CA LYS A 196 3.56 -17.70 -10.03
C LYS A 196 2.36 -17.67 -11.00
N GLU A 197 1.51 -16.63 -10.91
CA GLU A 197 0.36 -16.43 -11.83
C GLU A 197 0.88 -16.29 -13.27
N LEU A 198 1.91 -15.46 -13.48
CA LEU A 198 2.53 -15.20 -14.80
C LEU A 198 3.15 -16.50 -15.34
N LEU A 199 3.85 -17.25 -14.49
CA LEU A 199 4.42 -18.58 -14.85
C LEU A 199 3.30 -19.55 -15.26
N SER A 200 2.16 -19.51 -14.57
CA SER A 200 1.01 -20.43 -14.81
C SER A 200 0.40 -20.18 -16.20
N ILE A 201 0.67 -19.02 -16.81
CA ILE A 201 0.21 -18.63 -18.19
CA ILE A 201 0.18 -18.73 -18.20
C ILE A 201 1.32 -19.00 -19.19
N GLY A 202 2.49 -19.40 -18.69
CA GLY A 202 3.61 -19.91 -19.51
C GLY A 202 4.75 -18.93 -19.66
N ILE A 203 4.77 -17.83 -18.89
CA ILE A 203 5.80 -16.76 -19.00
C ILE A 203 6.68 -16.73 -17.74
N GLN A 204 7.98 -17.00 -17.90
CA GLN A 204 9.01 -16.75 -16.87
C GLN A 204 9.48 -15.30 -17.02
N PRO A 205 9.20 -14.39 -16.06
CA PRO A 205 9.74 -13.03 -16.12
C PRO A 205 11.27 -13.04 -16.02
N ASP A 206 11.93 -12.14 -16.76
CA ASP A 206 13.40 -11.95 -16.78
C ASP A 206 13.78 -10.82 -15.83
N ILE A 207 12.94 -9.78 -15.78
CA ILE A 207 13.16 -8.53 -15.00
C ILE A 207 11.89 -8.27 -14.17
N LEU A 208 12.06 -7.99 -12.88
CA LEU A 208 10.96 -7.60 -11.98
C LEU A 208 11.15 -6.12 -11.59
N ILE A 209 10.17 -5.28 -11.93
CA ILE A 209 10.14 -3.84 -11.55
C ILE A 209 9.19 -3.71 -10.35
N CYS A 210 9.76 -3.47 -9.17
CA CYS A 210 9.04 -3.46 -7.87
C CYS A 210 8.60 -2.02 -7.57
N ARG A 211 7.30 -1.75 -7.74
CA ARG A 211 6.67 -0.43 -7.44
C ARG A 211 6.28 -0.42 -5.96
N SER A 212 6.63 0.66 -5.26
CA SER A 212 6.38 0.86 -3.81
C SER A 212 6.38 2.36 -3.52
N ASP A 213 5.85 2.77 -2.35
CA ASP A 213 5.82 4.19 -1.92
C ASP A 213 7.20 4.60 -1.40
N ARG A 214 8.14 3.65 -1.35
CA ARG A 214 9.56 3.88 -0.94
C ARG A 214 10.46 2.86 -1.65
N ALA A 215 11.79 3.08 -1.59
CA ALA A 215 12.82 2.17 -2.13
C ALA A 215 12.60 0.76 -1.56
N VAL A 216 12.66 -0.27 -2.41
CA VAL A 216 12.61 -1.70 -1.99
C VAL A 216 14.02 -2.11 -1.59
N PRO A 217 14.30 -2.33 -0.28
CA PRO A 217 15.66 -2.64 0.16
C PRO A 217 16.19 -3.98 -0.37
N ALA A 218 17.50 -4.21 -0.18
CA ALA A 218 18.29 -5.33 -0.74
C ALA A 218 17.77 -6.67 -0.23
N ASN A 219 17.40 -6.75 1.05
CA ASN A 219 16.87 -8.00 1.67
CA ASN A 219 16.85 -7.98 1.70
C ASN A 219 15.60 -8.43 0.91
N GLU A 220 14.69 -7.50 0.64
CA GLU A 220 13.40 -7.76 -0.04
C GLU A 220 13.65 -8.14 -1.51
N ARG A 221 14.56 -7.43 -2.19
CA ARG A 221 14.92 -7.71 -3.61
C ARG A 221 15.54 -9.12 -3.70
N ALA A 222 16.37 -9.50 -2.73
CA ALA A 222 17.01 -10.83 -2.65
C ALA A 222 15.94 -11.91 -2.45
N LYS A 223 14.95 -11.65 -1.59
CA LYS A 223 13.84 -12.58 -1.31
C LYS A 223 13.01 -12.79 -2.58
N ILE A 224 12.71 -11.71 -3.31
CA ILE A 224 11.99 -11.75 -4.61
C ILE A 224 12.78 -12.61 -5.59
N ALA A 225 14.08 -12.35 -5.73
CA ALA A 225 15.01 -13.11 -6.62
C ALA A 225 14.93 -14.61 -6.30
N LEU A 226 14.98 -14.95 -5.00
CA LEU A 226 15.03 -16.36 -4.49
C LEU A 226 13.80 -17.15 -4.96
N PHE A 227 12.61 -16.55 -4.91
CA PHE A 227 11.31 -17.25 -5.12
C PHE A 227 10.85 -17.16 -6.59
N CYS A 228 11.45 -16.32 -7.43
CA CYS A 228 10.90 -15.95 -8.77
C CYS A 228 11.80 -16.37 -9.94
N ASN A 229 12.91 -17.09 -9.69
CA ASN A 229 13.86 -17.58 -10.73
C ASN A 229 14.47 -16.39 -11.48
N VAL A 230 14.67 -15.26 -10.80
CA VAL A 230 15.21 -14.00 -11.40
C VAL A 230 16.49 -13.65 -10.64
N PRO A 231 17.61 -13.34 -11.34
CA PRO A 231 18.82 -12.90 -10.66
C PRO A 231 18.57 -11.59 -9.90
N GLU A 232 19.28 -11.38 -8.78
CA GLU A 232 19.11 -10.22 -7.87
C GLU A 232 19.28 -8.92 -8.65
N LYS A 233 20.20 -8.85 -9.61
CA LYS A 233 20.52 -7.61 -10.36
C LYS A 233 19.38 -7.26 -11.33
N ALA A 234 18.48 -8.22 -11.62
CA ALA A 234 17.31 -8.04 -12.52
C ALA A 234 16.05 -7.74 -11.70
N VAL A 235 16.15 -7.62 -10.38
CA VAL A 235 15.06 -7.15 -9.47
C VAL A 235 15.32 -5.67 -9.17
N ILE A 236 14.49 -4.78 -9.73
CA ILE A 236 14.71 -3.31 -9.79
C ILE A 236 13.69 -2.62 -8.88
N SER A 237 14.15 -1.71 -8.03
CA SER A 237 13.30 -0.83 -7.18
C SER A 237 12.84 0.36 -8.02
N LEU A 238 11.53 0.60 -8.12
CA LEU A 238 10.95 1.81 -8.77
C LEU A 238 9.95 2.44 -7.80
N LYS A 239 10.45 3.27 -6.87
CA LYS A 239 9.68 3.91 -5.79
C LYS A 239 8.79 5.01 -6.40
N ASP A 240 7.78 5.44 -5.64
CA ASP A 240 7.00 6.67 -5.95
C ASP A 240 7.95 7.86 -5.91
N VAL A 241 7.97 8.67 -6.97
CA VAL A 241 8.84 9.88 -7.10
C VAL A 241 7.92 11.10 -7.31
N ASP A 242 8.40 12.29 -6.96
CA ASP A 242 7.64 13.57 -7.09
C ASP A 242 7.64 14.02 -8.56
N SER A 243 8.54 13.48 -9.39
CA SER A 243 8.61 13.75 -10.86
C SER A 243 8.99 12.47 -11.63
N ILE A 244 8.13 12.05 -12.57
CA ILE A 244 8.33 10.84 -13.41
C ILE A 244 9.59 11.01 -14.27
N TYR A 245 10.06 12.25 -14.47
CA TYR A 245 11.23 12.57 -15.34
C TYR A 245 12.53 12.14 -14.63
N LYS A 246 12.45 11.79 -13.34
CA LYS A 246 13.58 11.20 -12.55
C LYS A 246 13.75 9.71 -12.85
N ILE A 247 12.74 9.03 -13.41
CA ILE A 247 12.68 7.53 -13.46
C ILE A 247 13.78 6.99 -14.38
N PRO A 248 14.04 7.58 -15.58
CA PRO A 248 15.15 7.12 -16.41
C PRO A 248 16.46 7.02 -15.63
N GLY A 249 16.78 8.05 -14.84
CA GLY A 249 17.99 8.10 -13.99
C GLY A 249 18.01 7.01 -12.93
N LEU A 250 16.88 6.82 -12.24
CA LEU A 250 16.72 5.81 -11.15
C LEU A 250 16.94 4.41 -11.72
N LEU A 251 16.38 4.11 -12.90
CA LEU A 251 16.50 2.78 -13.56
C LEU A 251 17.95 2.59 -14.04
N LYS A 252 18.56 3.63 -14.61
CA LYS A 252 19.96 3.59 -15.11
C LYS A 252 20.92 3.22 -13.96
N SER A 253 20.76 3.85 -12.79
CA SER A 253 21.67 3.70 -11.62
C SER A 253 21.60 2.28 -11.05
N GLN A 254 20.54 1.53 -11.37
CA GLN A 254 20.37 0.10 -10.95
C GLN A 254 20.80 -0.83 -12.09
N GLY A 255 21.31 -0.28 -13.20
CA GLY A 255 21.96 -1.05 -14.28
C GLY A 255 20.95 -1.79 -15.15
N LEU A 256 19.69 -1.34 -15.19
CA LEU A 256 18.61 -2.02 -15.96
C LEU A 256 18.98 -2.07 -17.46
N ASP A 257 19.39 -0.93 -18.03
CA ASP A 257 19.71 -0.81 -19.48
C ASP A 257 20.98 -1.62 -19.82
N ASP A 258 21.95 -1.68 -18.90
CA ASP A 258 23.15 -2.54 -19.03
C ASP A 258 22.71 -4.01 -19.15
N TYR A 259 21.81 -4.45 -18.27
CA TYR A 259 21.28 -5.85 -18.24
C TYR A 259 20.61 -6.15 -19.59
N ILE A 260 19.77 -5.23 -20.08
CA ILE A 260 19.00 -5.40 -21.35
C ILE A 260 19.97 -5.49 -22.53
N CYS A 261 20.91 -4.55 -22.64
CA CYS A 261 21.89 -4.48 -23.76
C CYS A 261 22.78 -5.73 -23.74
N LYS A 262 23.13 -6.25 -22.56
CA LYS A 262 23.90 -7.51 -22.40
C LYS A 262 23.08 -8.68 -22.98
N ARG A 263 21.82 -8.83 -22.55
CA ARG A 263 20.93 -9.95 -22.97
CA ARG A 263 20.94 -9.96 -22.98
C ARG A 263 20.74 -9.91 -24.49
N PHE A 264 20.59 -8.70 -25.07
CA PHE A 264 20.33 -8.50 -26.52
C PHE A 264 21.65 -8.38 -27.32
N SER A 265 22.81 -8.52 -26.66
CA SER A 265 24.15 -8.42 -27.28
C SER A 265 24.27 -7.10 -28.04
N LEU A 266 23.81 -6.00 -27.43
CA LEU A 266 23.90 -4.63 -27.99
C LEU A 266 25.12 -3.94 -27.38
N ASN A 267 26.14 -3.67 -28.20
CA ASN A 267 27.32 -2.84 -27.83
C ASN A 267 26.99 -1.39 -28.21
N CYS A 268 26.74 -0.54 -27.20
CA CYS A 268 26.37 0.88 -27.38
C CYS A 268 26.90 1.69 -26.21
N PRO A 269 27.18 3.01 -26.40
CA PRO A 269 27.73 3.83 -25.33
C PRO A 269 26.79 3.96 -24.13
N GLU A 270 27.34 4.38 -22.99
CA GLU A 270 26.60 4.70 -21.75
C GLU A 270 25.50 5.69 -22.09
N ALA A 271 24.34 5.57 -21.44
CA ALA A 271 23.17 6.46 -21.62
C ALA A 271 23.54 7.87 -21.16
N ASN A 272 23.45 8.85 -22.08
CA ASN A 272 23.62 10.30 -21.79
C ASN A 272 22.24 10.88 -21.42
N LEU A 273 21.97 11.04 -20.13
CA LEU A 273 20.68 11.54 -19.59
C LEU A 273 20.79 13.02 -19.20
N SER A 274 21.76 13.76 -19.77
CA SER A 274 22.03 15.18 -19.42
C SER A 274 20.78 16.04 -19.64
N GLU A 275 19.99 15.77 -20.68
CA GLU A 275 18.74 16.52 -20.99
C GLU A 275 17.69 16.25 -19.89
N TRP A 276 17.63 15.03 -19.37
CA TRP A 276 16.72 14.65 -18.25
C TRP A 276 17.21 15.27 -16.95
N GLU A 277 18.53 15.27 -16.73
CA GLU A 277 19.18 15.93 -15.56
C GLU A 277 18.80 17.42 -15.56
N GLN A 278 18.77 18.05 -16.73
CA GLN A 278 18.41 19.48 -16.92
C GLN A 278 16.93 19.68 -16.55
N VAL A 279 16.03 18.80 -17.04
CA VAL A 279 14.57 18.86 -16.75
C VAL A 279 14.37 18.79 -15.24
N ILE A 280 15.00 17.82 -14.57
CA ILE A 280 14.89 17.59 -13.09
C ILE A 280 15.39 18.85 -12.36
N PHE A 281 16.55 19.38 -12.77
CA PHE A 281 17.15 20.62 -12.21
C PHE A 281 16.15 21.78 -12.33
N GLU A 282 15.61 22.03 -13.53
CA GLU A 282 14.69 23.16 -13.81
C GLU A 282 13.48 23.08 -12.87
N GLU A 283 12.88 21.89 -12.75
CA GLU A 283 11.64 21.63 -11.97
C GLU A 283 11.87 21.89 -10.47
N ALA A 284 13.05 21.51 -9.96
CA ALA A 284 13.41 21.59 -8.52
C ALA A 284 13.82 23.01 -8.13
N ASN A 285 14.01 23.91 -9.10
CA ASN A 285 14.54 25.28 -8.84
C ASN A 285 13.72 26.33 -9.60
N PRO A 286 12.40 26.45 -9.29
CA PRO A 286 11.61 27.56 -9.80
C PRO A 286 11.97 28.86 -9.05
N VAL A 287 11.98 30.00 -9.75
CA VAL A 287 12.30 31.35 -9.17
C VAL A 287 10.98 32.01 -8.75
N SER A 288 9.91 31.84 -9.53
CA SER A 288 8.56 32.42 -9.31
C SER A 288 7.53 31.30 -9.16
N GLU A 289 6.31 31.65 -8.74
CA GLU A 289 5.13 30.75 -8.67
C GLU A 289 3.94 31.47 -9.29
N VAL A 290 3.16 30.75 -10.12
CA VAL A 290 1.88 31.26 -10.72
C VAL A 290 0.77 30.26 -10.40
N THR A 291 -0.47 30.77 -10.30
CA THR A 291 -1.71 29.95 -10.26
C THR A 291 -2.41 30.13 -11.61
N ILE A 292 -2.62 29.02 -12.34
CA ILE A 292 -3.31 29.01 -13.67
C ILE A 292 -4.60 28.20 -13.51
N GLY A 293 -5.73 28.81 -13.85
CA GLY A 293 -7.05 28.16 -13.84
C GLY A 293 -7.29 27.39 -15.12
N MET A 294 -7.54 26.07 -15.00
CA MET A 294 -7.99 25.21 -16.12
C MET A 294 -9.51 25.03 -15.96
N VAL A 295 -10.29 25.74 -16.77
CA VAL A 295 -11.78 25.80 -16.68
C VAL A 295 -12.37 24.93 -17.78
N GLY A 296 -12.89 23.75 -17.42
CA GLY A 296 -13.38 22.73 -18.35
C GLY A 296 -14.54 21.93 -17.78
N LYS A 297 -14.96 20.88 -18.47
CA LYS A 297 -16.19 20.11 -18.16
C LYS A 297 -15.86 18.66 -17.77
N TYR A 298 -14.57 18.30 -17.66
CA TYR A 298 -14.12 16.91 -17.37
C TYR A 298 -13.18 16.87 -16.15
N ILE A 299 -13.23 17.89 -15.27
CA ILE A 299 -12.22 18.08 -14.19
C ILE A 299 -12.32 16.95 -13.15
N GLU A 300 -13.46 16.25 -13.10
CA GLU A 300 -13.72 15.12 -12.16
C GLU A 300 -12.69 13.99 -12.39
N LEU A 301 -12.12 13.87 -13.59
CA LEU A 301 -10.93 13.01 -13.86
C LEU A 301 -9.82 13.85 -14.47
N PRO A 302 -8.81 14.29 -13.67
CA PRO A 302 -7.69 15.07 -14.20
C PRO A 302 -7.01 14.48 -15.45
N ASP A 303 -6.93 13.14 -15.55
CA ASP A 303 -6.30 12.43 -16.69
C ASP A 303 -7.02 12.76 -18.00
N ALA A 304 -8.24 13.32 -17.94
CA ALA A 304 -8.98 13.86 -19.09
C ALA A 304 -8.16 14.95 -19.80
N TYR A 305 -7.27 15.64 -19.06
CA TYR A 305 -6.42 16.75 -19.57
C TYR A 305 -4.94 16.43 -19.35
N LYS A 306 -4.55 15.16 -19.46
CA LYS A 306 -3.18 14.68 -19.15
C LYS A 306 -2.14 15.55 -19.87
N SER A 307 -2.24 15.65 -21.20
CA SER A 307 -1.24 16.34 -22.06
C SER A 307 -1.24 17.85 -21.81
N VAL A 308 -2.40 18.43 -21.47
CA VAL A 308 -2.54 19.89 -21.19
C VAL A 308 -1.82 20.21 -19.88
N ILE A 309 -2.07 19.42 -18.83
CA ILE A 309 -1.46 19.57 -17.48
C ILE A 309 0.07 19.45 -17.63
N GLU A 310 0.55 18.50 -18.43
CA GLU A 310 2.00 18.29 -18.69
C GLU A 310 2.57 19.48 -19.45
N ALA A 311 1.86 19.98 -20.48
CA ALA A 311 2.30 21.11 -21.34
C ALA A 311 2.48 22.37 -20.49
N LEU A 312 1.57 22.61 -19.53
CA LEU A 312 1.66 23.74 -18.57
C LEU A 312 2.90 23.56 -17.69
N LYS A 313 3.12 22.36 -17.15
CA LYS A 313 4.33 21.99 -16.35
C LYS A 313 5.58 22.32 -17.16
N HIS A 314 5.60 21.94 -18.45
CA HIS A 314 6.75 22.15 -19.38
C HIS A 314 6.94 23.66 -19.62
N GLY A 315 5.84 24.43 -19.68
CA GLY A 315 5.87 25.90 -19.72
C GLY A 315 6.61 26.46 -18.52
N GLY A 316 6.35 25.88 -17.34
CA GLY A 316 7.03 26.21 -16.08
C GLY A 316 8.53 26.00 -16.16
N LEU A 317 8.96 24.83 -16.65
CA LEU A 317 10.40 24.43 -16.75
C LEU A 317 11.18 25.51 -17.51
N LYS A 318 10.69 25.91 -18.69
CA LYS A 318 11.38 26.83 -19.63
C LYS A 318 11.48 28.24 -19.03
N ASN A 319 10.53 28.64 -18.16
CA ASN A 319 10.47 29.99 -17.55
C ASN A 319 11.01 29.98 -16.11
N ARG A 320 11.38 28.80 -15.61
N ARG A 320 11.39 28.80 -15.60
CA ARG A 320 11.76 28.56 -14.18
CA ARG A 320 11.77 28.58 -14.18
C ARG A 320 10.62 29.07 -13.29
C ARG A 320 10.63 29.06 -13.28
N VAL A 321 9.38 28.68 -13.62
CA VAL A 321 8.14 29.09 -12.89
C VAL A 321 7.45 27.81 -12.40
N SER A 322 7.09 27.76 -11.13
CA SER A 322 6.24 26.70 -10.52
C SER A 322 4.77 27.00 -10.86
N VAL A 323 4.14 26.17 -11.68
CA VAL A 323 2.74 26.38 -12.17
C VAL A 323 1.79 25.61 -11.25
N ASN A 324 1.05 26.33 -10.39
CA ASN A 324 -0.09 25.78 -9.61
C ASN A 324 -1.31 25.71 -10.54
N ILE A 325 -1.67 24.50 -10.96
CA ILE A 325 -2.84 24.25 -11.86
C ILE A 325 -4.08 24.08 -10.98
N LYS A 326 -5.05 24.98 -11.13
CA LYS A 326 -6.36 24.93 -10.42
C LYS A 326 -7.42 24.44 -11.42
N LEU A 327 -7.91 23.21 -11.25
CA LEU A 327 -8.99 22.61 -12.07
C LEU A 327 -10.33 23.19 -11.59
N ILE A 328 -10.98 23.99 -12.45
CA ILE A 328 -12.27 24.68 -12.15
C ILE A 328 -13.36 24.11 -13.06
N ASP A 329 -14.44 23.58 -12.46
CA ASP A 329 -15.66 23.13 -13.17
C ASP A 329 -16.31 24.36 -13.82
N SER A 330 -16.49 24.33 -15.14
CA SER A 330 -17.10 25.43 -15.93
C SER A 330 -18.57 25.63 -15.52
N GLN A 331 -19.25 24.57 -15.05
CA GLN A 331 -20.66 24.63 -14.58
C GLN A 331 -20.74 25.41 -13.25
N ASP A 332 -19.64 25.50 -12.49
CA ASP A 332 -19.54 26.30 -11.25
C ASP A 332 -19.41 27.78 -11.60
N VAL A 333 -18.95 28.12 -12.81
CA VAL A 333 -18.91 29.52 -13.34
C VAL A 333 -20.35 29.93 -13.74
N GLU A 334 -21.14 28.96 -14.21
CA GLU A 334 -22.57 29.17 -14.59
C GLU A 334 -23.41 29.39 -13.32
N THR A 335 -23.13 28.63 -12.25
CA THR A 335 -23.89 28.63 -10.98
C THR A 335 -23.45 29.82 -10.10
N ARG A 336 -22.19 29.82 -9.66
CA ARG A 336 -21.66 30.71 -8.59
C ARG A 336 -21.07 32.00 -9.17
N GLY A 337 -20.96 32.11 -10.50
CA GLY A 337 -20.47 33.32 -11.18
C GLY A 337 -18.94 33.39 -11.24
N VAL A 338 -18.41 34.53 -11.68
CA VAL A 338 -16.95 34.72 -12.00
C VAL A 338 -16.14 34.97 -10.72
N GLU A 339 -16.76 34.89 -9.54
CA GLU A 339 -16.07 35.03 -8.23
C GLU A 339 -15.02 33.93 -8.07
N ILE A 340 -15.28 32.73 -8.61
CA ILE A 340 -14.42 31.52 -8.45
C ILE A 340 -13.21 31.60 -9.40
N LEU A 341 -13.15 32.61 -10.27
CA LEU A 341 -12.04 32.84 -11.23
C LEU A 341 -11.06 33.91 -10.68
N LYS A 342 -11.22 34.32 -9.42
CA LYS A 342 -10.37 35.36 -8.76
C LYS A 342 -9.14 34.69 -8.15
N GLY A 343 -8.00 35.39 -8.20
CA GLY A 343 -6.69 34.89 -7.72
C GLY A 343 -6.01 33.99 -8.73
N LEU A 344 -6.37 34.11 -10.00
CA LEU A 344 -5.75 33.36 -11.13
C LEU A 344 -4.81 34.31 -11.90
N ASP A 345 -3.57 33.87 -12.13
CA ASP A 345 -2.53 34.62 -12.89
C ASP A 345 -2.72 34.38 -14.39
N ALA A 346 -3.46 33.32 -14.75
CA ALA A 346 -3.80 32.97 -16.15
C ALA A 346 -4.99 32.00 -16.16
N ILE A 347 -5.67 31.92 -17.31
CA ILE A 347 -6.86 31.03 -17.51
C ILE A 347 -6.65 30.23 -18.79
N LEU A 348 -6.85 28.92 -18.73
CA LEU A 348 -6.82 28.00 -19.90
C LEU A 348 -8.17 27.28 -19.99
N VAL A 349 -8.81 27.35 -21.16
CA VAL A 349 -10.04 26.57 -21.47
C VAL A 349 -9.65 25.50 -22.48
N PRO A 350 -9.61 24.21 -22.06
CA PRO A 350 -9.15 23.12 -22.92
C PRO A 350 -10.26 22.62 -23.87
N GLY A 351 -9.97 21.54 -24.60
CA GLY A 351 -10.90 20.91 -25.56
C GLY A 351 -12.11 20.30 -24.88
N GLY A 352 -13.18 20.06 -25.64
CA GLY A 352 -14.41 19.40 -25.18
C GLY A 352 -15.48 19.34 -26.25
N PHE A 353 -16.49 18.49 -26.05
CA PHE A 353 -17.66 18.31 -26.96
C PHE A 353 -18.94 18.34 -26.11
N GLY A 354 -20.05 18.78 -26.71
CA GLY A 354 -21.35 18.90 -26.04
C GLY A 354 -21.49 20.24 -25.34
N TYR A 355 -22.73 20.69 -25.14
CA TYR A 355 -23.09 22.06 -24.68
C TYR A 355 -22.90 22.19 -23.16
N ARG A 356 -22.96 21.07 -22.42
CA ARG A 356 -22.83 21.06 -20.93
C ARG A 356 -21.56 21.81 -20.52
N GLY A 357 -21.72 22.92 -19.80
CA GLY A 357 -20.62 23.69 -19.18
C GLY A 357 -20.03 24.74 -20.12
N VAL A 358 -20.54 24.84 -21.36
CA VAL A 358 -19.95 25.71 -22.43
C VAL A 358 -20.23 27.19 -22.10
N GLU A 359 -21.46 27.52 -21.68
CA GLU A 359 -21.85 28.91 -21.33
C GLU A 359 -20.90 29.43 -20.24
N GLY A 360 -20.54 28.56 -19.28
CA GLY A 360 -19.54 28.85 -18.23
C GLY A 360 -18.18 29.21 -18.81
N MET A 361 -17.75 28.51 -19.87
CA MET A 361 -16.45 28.72 -20.56
C MET A 361 -16.50 30.05 -21.35
N ILE A 362 -17.65 30.36 -21.95
CA ILE A 362 -17.89 31.64 -22.69
C ILE A 362 -17.74 32.80 -21.69
N THR A 363 -18.38 32.68 -20.52
CA THR A 363 -18.30 33.65 -19.39
C THR A 363 -16.84 33.80 -18.95
N THR A 364 -16.12 32.68 -18.85
CA THR A 364 -14.69 32.60 -18.43
C THR A 364 -13.82 33.35 -19.47
N ALA A 365 -14.07 33.14 -20.76
CA ALA A 365 -13.35 33.80 -21.87
C ALA A 365 -13.56 35.31 -21.80
N ARG A 366 -14.79 35.74 -21.50
CA ARG A 366 -15.17 37.17 -21.33
C ARG A 366 -14.39 37.77 -20.16
N PHE A 367 -14.44 37.11 -18.99
CA PHE A 367 -13.77 37.53 -17.74
C PHE A 367 -12.28 37.76 -18.02
N ALA A 368 -11.61 36.77 -18.63
CA ALA A 368 -10.17 36.79 -18.96
C ALA A 368 -9.86 37.95 -19.91
N ARG A 369 -10.70 38.18 -20.92
CA ARG A 369 -10.52 39.25 -21.94
C ARG A 369 -10.70 40.63 -21.28
N GLU A 370 -11.77 40.80 -20.51
CA GLU A 370 -12.19 42.11 -19.92
C GLU A 370 -11.24 42.51 -18.78
N ASN A 371 -10.69 41.54 -18.04
CA ASN A 371 -9.84 41.76 -16.84
C ASN A 371 -8.35 41.64 -17.21
N ASN A 372 -8.03 41.50 -18.49
CA ASN A 372 -6.63 41.43 -19.03
C ASN A 372 -5.85 40.29 -18.37
N ILE A 373 -6.52 39.17 -18.07
CA ILE A 373 -5.90 37.94 -17.51
C ILE A 373 -5.45 37.07 -18.68
N PRO A 374 -4.16 36.67 -18.76
CA PRO A 374 -3.67 35.80 -19.83
C PRO A 374 -4.59 34.59 -20.10
N TYR A 375 -4.94 34.37 -21.36
CA TYR A 375 -5.92 33.34 -21.81
C TYR A 375 -5.29 32.48 -22.91
N LEU A 376 -5.44 31.16 -22.79
CA LEU A 376 -5.13 30.18 -23.87
C LEU A 376 -6.36 29.30 -24.08
N GLY A 377 -6.92 29.34 -25.29
CA GLY A 377 -8.08 28.51 -25.70
C GLY A 377 -7.63 27.41 -26.64
N ILE A 378 -7.96 26.16 -26.31
CA ILE A 378 -7.63 24.97 -27.15
C ILE A 378 -8.95 24.38 -27.68
N CYS A 379 -9.15 24.44 -29.00
CA CYS A 379 -10.29 23.84 -29.73
C CYS A 379 -11.61 24.46 -29.22
N LEU A 380 -12.31 23.82 -28.28
CA LEU A 380 -13.52 24.38 -27.63
C LEU A 380 -13.17 25.71 -26.96
N GLY A 381 -11.94 25.82 -26.42
CA GLY A 381 -11.39 27.06 -25.83
C GLY A 381 -11.36 28.23 -26.79
N MET A 382 -11.17 27.95 -28.10
N MET A 382 -11.13 27.95 -28.08
CA MET A 382 -11.13 28.99 -29.16
CA MET A 382 -11.13 28.96 -29.16
C MET A 382 -12.54 29.27 -29.67
C MET A 382 -12.58 29.29 -29.55
N GLN A 383 -13.44 28.28 -29.60
CA GLN A 383 -14.88 28.45 -29.96
C GLN A 383 -15.53 29.44 -28.98
N VAL A 384 -15.37 29.20 -27.68
CA VAL A 384 -15.99 30.01 -26.59
C VAL A 384 -15.41 31.42 -26.60
N ALA A 385 -14.15 31.58 -27.01
CA ALA A 385 -13.46 32.89 -27.15
C ALA A 385 -14.07 33.66 -28.32
N LEU A 386 -14.29 32.99 -29.47
CA LEU A 386 -14.92 33.58 -30.67
C LEU A 386 -16.37 33.98 -30.33
N ILE A 387 -17.11 33.08 -29.67
CA ILE A 387 -18.52 33.30 -29.23
C ILE A 387 -18.55 34.52 -28.30
N ASP A 388 -17.70 34.54 -27.27
CA ASP A 388 -17.56 35.67 -26.31
C ASP A 388 -17.47 36.98 -27.10
N TYR A 389 -16.50 37.07 -28.01
CA TYR A 389 -16.17 38.30 -28.78
C TYR A 389 -17.36 38.70 -29.65
N ALA A 390 -17.87 37.75 -30.44
CA ALA A 390 -19.04 37.91 -31.32
C ALA A 390 -20.20 38.55 -30.54
N ARG A 391 -20.54 37.97 -29.38
CA ARG A 391 -21.68 38.42 -28.52
C ARG A 391 -21.41 39.82 -27.96
N HIS A 392 -20.25 40.01 -27.31
CA HIS A 392 -20.00 41.11 -26.33
C HIS A 392 -19.19 42.25 -26.94
N VAL A 393 -18.66 42.10 -28.16
CA VAL A 393 -17.85 43.16 -28.85
C VAL A 393 -18.45 43.44 -30.23
N ALA A 394 -18.77 42.41 -31.01
CA ALA A 394 -19.30 42.52 -32.40
C ALA A 394 -20.83 42.68 -32.39
N ASN A 395 -21.46 42.56 -31.21
CA ASN A 395 -22.91 42.79 -30.97
C ASN A 395 -23.73 41.81 -31.84
N MET A 396 -23.31 40.54 -31.88
CA MET A 396 -24.01 39.42 -32.56
C MET A 396 -24.70 38.57 -31.48
N GLU A 397 -25.90 38.98 -31.07
CA GLU A 397 -26.60 38.47 -29.85
C GLU A 397 -26.83 36.97 -29.96
N ASN A 398 -26.57 36.24 -28.88
CA ASN A 398 -26.83 34.77 -28.72
C ASN A 398 -26.02 33.97 -29.73
N ALA A 399 -24.91 34.52 -30.24
CA ALA A 399 -23.96 33.84 -31.15
C ALA A 399 -23.46 32.57 -30.48
N ASN A 400 -23.41 31.46 -31.22
CA ASN A 400 -23.17 30.10 -30.65
C ASN A 400 -22.60 29.19 -31.73
N SER A 401 -22.38 27.92 -31.38
CA SER A 401 -22.03 26.82 -32.31
C SER A 401 -23.28 26.01 -32.65
N THR A 402 -23.39 25.51 -33.89
CA THR A 402 -24.49 24.65 -34.37
C THR A 402 -24.48 23.32 -33.60
N GLU A 403 -23.34 22.96 -32.99
CA GLU A 403 -23.20 21.78 -32.09
C GLU A 403 -24.15 21.93 -30.88
N PHE A 404 -24.30 23.15 -30.38
CA PHE A 404 -24.96 23.48 -29.09
C PHE A 404 -26.38 24.01 -29.33
N VAL A 405 -26.54 24.96 -30.26
CA VAL A 405 -27.84 25.57 -30.66
C VAL A 405 -27.91 25.58 -32.18
N PRO A 406 -28.40 24.49 -32.82
CA PRO A 406 -28.33 24.32 -34.27
C PRO A 406 -28.89 25.48 -35.12
N ASP A 407 -29.99 26.09 -34.68
CA ASP A 407 -30.77 27.06 -35.50
C ASP A 407 -30.58 28.49 -34.98
N CYS A 408 -29.47 28.78 -34.31
CA CYS A 408 -29.13 30.14 -33.79
C CYS A 408 -28.88 31.07 -34.99
N LYS A 409 -29.16 32.38 -34.83
CA LYS A 409 -29.11 33.38 -35.91
C LYS A 409 -27.66 33.59 -36.36
N TYR A 410 -26.71 33.60 -35.42
CA TYR A 410 -25.26 33.85 -35.65
C TYR A 410 -24.47 32.58 -35.31
N PRO A 411 -24.46 31.54 -36.19
CA PRO A 411 -23.61 30.38 -35.98
C PRO A 411 -22.15 30.69 -36.33
N VAL A 412 -21.44 31.39 -35.43
CA VAL A 412 -20.02 31.81 -35.60
C VAL A 412 -19.14 30.57 -35.75
N VAL A 413 -19.55 29.45 -35.12
CA VAL A 413 -18.92 28.11 -35.26
C VAL A 413 -19.98 27.14 -35.80
N ALA A 414 -19.64 26.37 -36.83
CA ALA A 414 -20.50 25.34 -37.45
C ALA A 414 -19.69 24.47 -38.41
N LEU A 415 -20.26 23.33 -38.82
CA LEU A 415 -19.68 22.43 -39.86
C LEU A 415 -19.57 23.24 -41.17
N ILE A 416 -18.60 22.93 -42.02
CA ILE A 416 -18.38 23.61 -43.33
C ILE A 416 -19.68 23.57 -44.16
N THR A 417 -20.41 22.45 -44.09
CA THR A 417 -21.68 22.21 -44.84
C THR A 417 -22.82 23.06 -44.26
N GLU A 418 -22.75 23.43 -42.97
CA GLU A 418 -23.80 24.18 -42.25
C GLU A 418 -23.60 25.70 -42.40
N TRP A 419 -22.42 26.15 -42.86
CA TRP A 419 -22.05 27.59 -42.95
C TRP A 419 -23.20 28.39 -43.56
N ARG A 420 -23.74 29.35 -42.79
CA ARG A 420 -24.79 30.31 -43.22
C ARG A 420 -24.52 31.66 -42.53
N ASP A 421 -25.06 32.76 -43.08
CA ASP A 421 -24.98 34.11 -42.47
C ASP A 421 -26.24 34.33 -41.62
N GLU A 422 -26.41 35.55 -41.08
CA GLU A 422 -27.51 35.92 -40.15
C GLU A 422 -28.87 35.90 -40.88
N ASN A 423 -28.86 35.95 -42.21
CA ASN A 423 -30.07 35.97 -43.08
C ASN A 423 -30.39 34.55 -43.60
N GLY A 424 -29.54 33.57 -43.28
CA GLY A 424 -29.74 32.15 -43.69
C GLY A 424 -29.14 31.86 -45.05
N ASN A 425 -28.46 32.83 -45.66
CA ASN A 425 -27.80 32.69 -46.98
C ASN A 425 -26.55 31.80 -46.83
N VAL A 426 -26.19 31.07 -47.88
CA VAL A 426 -25.07 30.09 -47.90
C VAL A 426 -24.18 30.37 -49.12
N GLU A 427 -23.02 29.72 -49.19
CA GLU A 427 -22.07 29.78 -50.34
C GLU A 427 -22.56 28.81 -51.43
N VAL A 428 -22.13 29.03 -52.68
CA VAL A 428 -22.60 28.25 -53.88
C VAL A 428 -22.22 26.78 -53.71
N GLY A 437 -15.73 13.75 -45.66
CA GLY A 437 -14.75 14.02 -44.58
C GLY A 437 -15.03 15.35 -43.89
N THR A 438 -15.55 15.30 -42.66
CA THR A 438 -15.89 16.48 -41.82
C THR A 438 -14.94 16.57 -40.62
N MET A 439 -14.60 15.43 -40.01
CA MET A 439 -13.70 15.34 -38.82
C MET A 439 -12.24 15.53 -39.29
N ARG A 440 -11.54 16.50 -38.71
CA ARG A 440 -10.09 16.75 -38.97
C ARG A 440 -9.28 16.11 -37.84
N LEU A 441 -8.44 15.13 -38.19
CA LEU A 441 -7.66 14.29 -37.24
C LEU A 441 -6.19 14.30 -37.67
N GLY A 442 -5.28 14.61 -36.74
CA GLY A 442 -3.83 14.45 -36.92
C GLY A 442 -3.15 15.72 -37.41
N ALA A 443 -1.89 15.58 -37.81
CA ALA A 443 -0.98 16.68 -38.20
C ALA A 443 -1.53 17.41 -39.44
N GLN A 444 -1.47 18.74 -39.42
CA GLN A 444 -1.81 19.62 -40.56
C GLN A 444 -0.98 20.90 -40.47
N GLN A 445 -0.45 21.36 -41.60
CA GLN A 445 0.31 22.63 -41.69
C GLN A 445 -0.67 23.81 -41.50
N CYS A 446 -0.27 24.79 -40.67
N CYS A 446 -0.27 24.80 -40.69
CA CYS A 446 -1.02 26.03 -40.39
CA CYS A 446 -1.04 26.04 -40.41
C CYS A 446 -0.13 27.24 -40.71
C CYS A 446 -0.14 27.25 -40.69
N GLN A 447 -0.64 28.20 -41.49
CA GLN A 447 0.09 29.43 -41.89
C GLN A 447 -0.14 30.51 -40.82
N LEU A 448 0.93 30.99 -40.20
CA LEU A 448 0.86 32.06 -39.16
C LEU A 448 0.90 33.43 -39.86
N VAL A 449 0.04 34.36 -39.43
CA VAL A 449 -0.07 35.74 -39.96
C VAL A 449 1.09 36.58 -39.38
N ASP A 450 1.76 37.36 -40.23
CA ASP A 450 2.90 38.24 -39.83
C ASP A 450 2.41 39.25 -38.79
N ASP A 451 3.25 39.53 -37.78
CA ASP A 451 3.03 40.53 -36.69
C ASP A 451 2.07 39.96 -35.63
N SER A 452 1.65 38.71 -35.75
CA SER A 452 0.81 38.01 -34.73
C SER A 452 1.69 37.57 -33.56
N LEU A 453 1.13 37.51 -32.36
CA LEU A 453 1.81 37.00 -31.13
C LEU A 453 2.36 35.60 -31.41
N VAL A 454 1.55 34.71 -32.01
CA VAL A 454 1.93 33.29 -32.28
C VAL A 454 3.08 33.23 -33.30
N ARG A 455 3.07 34.10 -34.31
CA ARG A 455 4.17 34.18 -35.32
C ARG A 455 5.50 34.42 -34.60
N GLN A 456 5.49 35.32 -33.61
CA GLN A 456 6.68 35.66 -32.78
C GLN A 456 7.11 34.43 -31.95
N LEU A 457 6.16 33.83 -31.22
CA LEU A 457 6.41 32.71 -30.27
C LEU A 457 6.93 31.48 -31.01
N TYR A 458 6.25 31.08 -32.09
CA TYR A 458 6.61 29.90 -32.93
C TYR A 458 7.87 30.20 -33.76
N ASN A 459 8.16 31.48 -33.97
CA ASN A 459 9.41 31.96 -34.62
C ASN A 459 9.53 31.36 -36.02
N ALA A 460 8.41 31.22 -36.73
CA ALA A 460 8.34 30.62 -38.09
C ALA A 460 7.02 31.00 -38.77
N PRO A 461 6.97 31.03 -40.12
CA PRO A 461 5.75 31.37 -40.85
C PRO A 461 4.68 30.27 -40.81
N THR A 462 5.11 29.00 -40.79
CA THR A 462 4.22 27.81 -40.79
C THR A 462 4.58 26.89 -39.62
N ILE A 463 3.57 26.18 -39.10
CA ILE A 463 3.72 25.19 -37.99
C ILE A 463 2.90 23.94 -38.35
N VAL A 464 3.24 22.80 -37.75
CA VAL A 464 2.46 21.53 -37.86
C VAL A 464 1.93 21.21 -36.46
N GLU A 465 0.60 21.28 -36.30
CA GLU A 465 -0.09 20.87 -35.04
C GLU A 465 -1.20 19.87 -35.41
N ARG A 466 -1.76 19.22 -34.39
CA ARG A 466 -2.68 18.05 -34.55
C ARG A 466 -4.09 18.48 -34.17
N HIS A 467 -5.08 18.07 -34.97
CA HIS A 467 -6.52 18.41 -34.82
C HIS A 467 -7.30 17.20 -34.31
N ARG A 468 -8.39 17.46 -33.59
CA ARG A 468 -9.49 16.51 -33.32
C ARG A 468 -10.79 17.30 -33.14
N HIS A 469 -11.41 17.68 -34.26
CA HIS A 469 -12.65 18.50 -34.29
C HIS A 469 -13.26 18.46 -35.70
N ARG A 470 -14.56 18.78 -35.80
N ARG A 470 -14.56 18.78 -35.80
CA ARG A 470 -15.28 18.93 -37.09
CA ARG A 470 -15.29 18.92 -37.09
C ARG A 470 -15.93 20.32 -37.18
C ARG A 470 -15.93 20.32 -37.18
N TYR A 471 -16.27 20.93 -36.04
CA TYR A 471 -16.89 22.28 -35.97
C TYR A 471 -15.83 23.35 -36.19
N GLU A 472 -15.99 24.14 -37.26
CA GLU A 472 -15.02 25.16 -37.74
C GLU A 472 -15.55 26.57 -37.47
N VAL A 473 -14.68 27.57 -37.55
CA VAL A 473 -15.06 29.01 -37.56
C VAL A 473 -15.83 29.28 -38.85
N ASN A 474 -17.05 29.81 -38.75
CA ASN A 474 -17.93 30.16 -39.90
C ASN A 474 -17.35 31.39 -40.61
N ASN A 475 -16.76 31.18 -41.80
CA ASN A 475 -16.08 32.24 -42.60
C ASN A 475 -17.07 33.30 -43.06
N MET A 476 -18.36 32.95 -43.16
CA MET A 476 -19.44 33.85 -43.65
C MET A 476 -19.71 34.96 -42.63
N LEU A 477 -19.43 34.71 -41.33
CA LEU A 477 -19.69 35.66 -40.22
C LEU A 477 -18.38 36.22 -39.65
N LEU A 478 -17.22 35.79 -40.20
CA LEU A 478 -15.87 36.10 -39.65
C LEU A 478 -15.54 37.59 -39.84
N LYS A 479 -15.87 38.13 -41.02
CA LYS A 479 -15.54 39.52 -41.44
C LYS A 479 -16.06 40.52 -40.40
N GLN A 480 -17.31 40.32 -39.94
CA GLN A 480 -18.00 41.18 -38.94
C GLN A 480 -17.23 41.16 -37.61
N ILE A 481 -16.76 39.98 -37.20
CA ILE A 481 -16.01 39.77 -35.92
C ILE A 481 -14.61 40.40 -36.06
N GLU A 482 -13.99 40.26 -37.24
CA GLU A 482 -12.66 40.86 -37.58
C GLU A 482 -12.75 42.39 -37.49
N ASP A 483 -13.80 42.98 -38.05
CA ASP A 483 -14.05 44.46 -38.07
C ASP A 483 -14.24 44.97 -36.64
N ALA A 484 -14.80 44.15 -35.74
CA ALA A 484 -15.07 44.47 -34.33
C ALA A 484 -13.79 44.40 -33.49
N GLY A 485 -12.66 43.99 -34.09
CA GLY A 485 -11.31 44.12 -33.49
C GLY A 485 -10.54 42.81 -33.38
N LEU A 486 -11.22 41.67 -33.46
N LEU A 486 -11.22 41.67 -33.44
CA LEU A 486 -10.61 40.31 -33.34
CA LEU A 486 -10.60 40.31 -33.34
C LEU A 486 -9.66 40.09 -34.53
C LEU A 486 -9.64 40.10 -34.51
N ARG A 487 -8.51 39.44 -34.27
CA ARG A 487 -7.45 39.21 -35.27
C ARG A 487 -7.36 37.70 -35.57
N VAL A 488 -7.27 37.36 -36.86
CA VAL A 488 -6.95 35.98 -37.34
C VAL A 488 -5.43 35.85 -37.37
N ALA A 489 -4.87 34.93 -36.57
CA ALA A 489 -3.41 34.75 -36.37
C ALA A 489 -2.90 33.54 -37.17
N GLY A 490 -3.79 32.64 -37.60
CA GLY A 490 -3.40 31.42 -38.35
C GLY A 490 -4.54 30.85 -39.17
N ARG A 491 -4.22 30.30 -40.35
N ARG A 491 -4.23 30.30 -40.35
CA ARG A 491 -5.18 29.67 -41.30
CA ARG A 491 -5.19 29.66 -41.28
C ARG A 491 -4.55 28.40 -41.87
C ARG A 491 -4.56 28.40 -41.87
N SER A 492 -5.36 27.55 -42.52
CA SER A 492 -4.91 26.30 -43.18
C SER A 492 -5.87 25.88 -44.29
N GLY A 493 -5.36 25.13 -45.27
CA GLY A 493 -6.16 24.43 -46.30
C GLY A 493 -6.59 25.34 -47.45
N ASP A 494 -7.36 24.80 -48.38
CA ASP A 494 -7.93 25.52 -49.55
C ASP A 494 -9.09 26.40 -49.07
N ASP A 495 -9.91 25.90 -48.15
CA ASP A 495 -11.10 26.59 -47.58
C ASP A 495 -10.66 27.64 -46.55
N GLN A 496 -9.35 27.84 -46.37
CA GLN A 496 -8.75 28.90 -45.52
C GLN A 496 -9.46 28.91 -44.16
N LEU A 497 -9.51 27.75 -43.50
CA LEU A 497 -10.15 27.58 -42.17
C LEU A 497 -9.34 28.34 -41.12
N VAL A 498 -10.01 28.98 -40.17
CA VAL A 498 -9.36 29.76 -39.07
C VAL A 498 -8.81 28.76 -38.04
N GLU A 499 -7.50 28.82 -37.79
CA GLU A 499 -6.77 27.90 -36.88
C GLU A 499 -6.44 28.61 -35.55
N ILE A 500 -6.04 29.88 -35.62
CA ILE A 500 -5.63 30.69 -34.43
C ILE A 500 -6.31 32.07 -34.49
N ILE A 501 -6.83 32.54 -33.35
CA ILE A 501 -7.38 33.92 -33.17
C ILE A 501 -6.64 34.58 -31.99
N GLU A 502 -6.48 35.90 -32.06
CA GLU A 502 -5.85 36.74 -31.00
C GLU A 502 -6.72 37.98 -30.75
N VAL A 503 -6.82 38.39 -29.48
CA VAL A 503 -7.36 39.72 -29.05
C VAL A 503 -6.17 40.64 -28.80
N PRO A 504 -5.86 41.59 -29.71
CA PRO A 504 -4.61 42.36 -29.63
C PRO A 504 -4.52 43.30 -28.43
N ASN A 505 -5.62 43.98 -28.07
CA ASN A 505 -5.68 44.94 -26.93
C ASN A 505 -5.73 44.17 -25.61
N HIS A 506 -4.70 43.36 -25.35
CA HIS A 506 -4.61 42.36 -24.25
C HIS A 506 -3.16 41.92 -24.10
N PRO A 507 -2.64 41.71 -22.87
CA PRO A 507 -1.24 41.30 -22.70
C PRO A 507 -0.92 39.97 -23.40
N TRP A 508 -1.79 38.97 -23.24
CA TRP A 508 -1.63 37.61 -23.82
C TRP A 508 -3.00 36.93 -23.95
N PHE A 509 -3.60 36.98 -25.13
CA PHE A 509 -4.88 36.28 -25.46
C PHE A 509 -4.67 35.53 -26.79
N VAL A 510 -4.56 34.21 -26.71
CA VAL A 510 -4.36 33.31 -27.88
C VAL A 510 -5.34 32.13 -27.75
N ALA A 511 -5.94 31.73 -28.87
CA ALA A 511 -6.85 30.58 -28.98
C ALA A 511 -6.63 29.88 -30.32
N CYS A 512 -6.52 28.56 -30.29
CA CYS A 512 -6.18 27.72 -31.48
C CYS A 512 -7.16 26.55 -31.58
N GLN A 513 -7.38 26.06 -32.79
CA GLN A 513 -8.29 24.93 -33.10
C GLN A 513 -7.56 23.61 -32.79
N PHE A 514 -6.29 23.53 -33.15
CA PHE A 514 -5.41 22.34 -32.96
C PHE A 514 -5.13 22.14 -31.46
N HIS A 515 -4.52 21.00 -31.12
CA HIS A 515 -4.15 20.59 -29.75
C HIS A 515 -2.64 20.70 -29.56
N PRO A 516 -2.11 21.87 -29.16
CA PRO A 516 -0.67 22.08 -29.07
C PRO A 516 -0.04 21.22 -27.97
N GLU A 517 -0.84 20.83 -26.97
CA GLU A 517 -0.39 19.98 -25.82
C GLU A 517 0.18 18.65 -26.33
N PHE A 518 -0.22 18.20 -27.52
CA PHE A 518 0.17 16.88 -28.08
C PHE A 518 1.59 16.92 -28.67
N THR A 519 2.18 18.11 -28.88
CA THR A 519 3.57 18.27 -29.40
C THR A 519 4.51 18.83 -28.33
N SER A 520 3.99 19.22 -27.16
CA SER A 520 4.79 19.66 -25.99
C SER A 520 5.52 18.46 -25.38
N THR A 521 6.81 18.63 -25.06
CA THR A 521 7.65 17.65 -24.32
C THR A 521 8.37 18.38 -23.19
N PRO A 522 8.82 17.68 -22.13
CA PRO A 522 9.60 18.32 -21.06
C PRO A 522 10.95 18.85 -21.55
N ARG A 523 11.58 18.17 -22.52
CA ARG A 523 12.95 18.49 -22.99
C ARG A 523 12.92 19.70 -23.95
N ASP A 524 11.94 19.74 -24.86
CA ASP A 524 11.87 20.76 -25.94
C ASP A 524 10.80 21.80 -25.63
N GLY A 525 9.96 21.56 -24.62
CA GLY A 525 8.85 22.45 -24.23
C GLY A 525 7.87 22.65 -25.38
N HIS A 526 7.21 23.81 -25.42
CA HIS A 526 6.30 24.23 -26.51
C HIS A 526 6.24 25.76 -26.56
N PRO A 527 6.46 26.40 -27.73
CA PRO A 527 6.49 27.86 -27.83
C PRO A 527 5.26 28.57 -27.25
N LEU A 528 4.07 27.98 -27.41
CA LEU A 528 2.77 28.59 -27.04
C LEU A 528 2.61 28.54 -25.51
N PHE A 529 2.86 27.39 -24.88
CA PHE A 529 2.69 27.17 -23.42
C PHE A 529 3.78 27.93 -22.65
N ALA A 530 5.01 27.99 -23.19
CA ALA A 530 6.13 28.77 -22.63
C ALA A 530 5.74 30.25 -22.58
N GLY A 531 5.25 30.79 -23.71
CA GLY A 531 4.71 32.15 -23.81
C GLY A 531 3.59 32.39 -22.81
N PHE A 532 2.64 31.46 -22.73
CA PHE A 532 1.44 31.53 -21.85
C PHE A 532 1.87 31.60 -20.37
N VAL A 533 2.79 30.71 -19.96
CA VAL A 533 3.27 30.63 -18.55
C VAL A 533 4.08 31.91 -18.23
N LYS A 534 4.88 32.41 -19.18
CA LYS A 534 5.63 33.68 -19.04
C LYS A 534 4.64 34.82 -18.77
N ALA A 535 3.63 34.96 -19.64
CA ALA A 535 2.55 35.97 -19.52
C ALA A 535 1.91 35.88 -18.14
N ALA A 536 1.65 34.65 -17.66
CA ALA A 536 1.08 34.37 -16.32
C ALA A 536 2.01 34.91 -15.22
N SER A 537 3.32 34.71 -15.37
CA SER A 537 4.38 35.19 -14.45
C SER A 537 4.40 36.72 -14.43
N GLU A 538 4.40 37.35 -15.61
CA GLU A 538 4.43 38.82 -15.79
C GLU A 538 3.17 39.45 -15.18
N PHE A 539 1.99 38.82 -15.38
CA PHE A 539 0.71 39.25 -14.77
C PHE A 539 0.81 39.20 -13.25
N GLN A 540 1.26 38.06 -12.71
CA GLN A 540 1.41 37.79 -11.26
C GLN A 540 2.29 38.88 -10.62
N LYS A 541 3.32 39.34 -11.34
CA LYS A 541 4.30 40.35 -10.86
C LYS A 541 3.63 41.73 -10.77
N ARG A 542 2.81 42.09 -11.77
CA ARG A 542 2.15 43.41 -11.89
C ARG A 542 1.13 43.61 -10.75
N GLN A 543 0.54 42.52 -10.23
CA GLN A 543 -0.47 42.56 -9.13
C GLN A 543 0.21 42.94 -7.81
N MET B 1 -26.40 -27.09 22.09
CA MET B 1 -26.43 -27.13 20.59
C MET B 1 -25.04 -27.53 20.06
N THR B 2 -24.93 -27.71 18.74
CA THR B 2 -23.68 -28.06 18.01
C THR B 2 -22.67 -26.92 18.14
N THR B 3 -21.39 -27.24 18.30
CA THR B 3 -20.27 -26.25 18.31
C THR B 3 -20.13 -25.67 16.89
N ASN B 4 -19.94 -24.35 16.80
CA ASN B 4 -19.77 -23.63 15.51
C ASN B 4 -18.29 -23.22 15.37
N TYR B 5 -17.76 -23.29 14.14
CA TYR B 5 -16.37 -22.94 13.80
C TYR B 5 -16.36 -21.76 12.81
N ILE B 6 -15.57 -20.74 13.12
CA ILE B 6 -15.19 -19.64 12.19
C ILE B 6 -13.70 -19.82 11.88
N PHE B 7 -13.38 -20.26 10.66
CA PHE B 7 -11.98 -20.41 10.18
C PHE B 7 -11.51 -19.07 9.64
N VAL B 8 -10.48 -18.49 10.26
CA VAL B 8 -9.93 -17.15 9.91
C VAL B 8 -8.62 -17.36 9.15
N THR B 9 -8.62 -16.96 7.87
CA THR B 9 -7.46 -17.07 6.95
C THR B 9 -7.04 -15.66 6.52
N GLY B 10 -5.83 -15.54 5.98
CA GLY B 10 -5.28 -14.27 5.45
C GLY B 10 -4.76 -14.46 4.05
N GLY B 11 -5.01 -13.48 3.18
CA GLY B 11 -4.51 -13.47 1.79
C GLY B 11 -3.68 -12.24 1.52
N VAL B 12 -2.93 -12.27 0.40
CA VAL B 12 -2.13 -11.13 -0.16
C VAL B 12 -0.83 -10.97 0.63
N VAL B 13 -0.90 -10.71 1.94
CA VAL B 13 0.29 -10.50 2.81
C VAL B 13 0.01 -11.07 4.20
N SER B 14 1.08 -11.30 4.98
CA SER B 14 1.04 -11.53 6.44
C SER B 14 1.09 -10.17 7.14
N SER B 15 1.16 -10.15 8.47
CA SER B 15 1.09 -8.91 9.31
C SER B 15 -0.21 -8.16 9.00
N LEU B 16 -1.27 -8.89 8.67
N LEU B 16 -1.26 -8.90 8.69
CA LEU B 16 -2.52 -8.37 8.06
CA LEU B 16 -2.53 -8.41 8.07
C LEU B 16 -3.52 -7.97 9.17
C LEU B 16 -3.51 -7.98 9.16
N GLY B 17 -3.49 -8.67 10.30
CA GLY B 17 -4.41 -8.43 11.44
C GLY B 17 -5.32 -9.61 11.74
N LYS B 18 -4.90 -10.83 11.39
CA LYS B 18 -5.69 -12.09 11.61
C LYS B 18 -5.96 -12.27 13.11
N GLY B 19 -4.92 -12.13 13.95
CA GLY B 19 -5.01 -12.30 15.41
C GLY B 19 -5.94 -11.28 16.04
N ILE B 20 -5.76 -9.99 15.69
CA ILE B 20 -6.55 -8.85 16.24
C ILE B 20 -8.01 -8.96 15.76
N ALA B 21 -8.23 -9.30 14.49
CA ALA B 21 -9.58 -9.46 13.88
C ALA B 21 -10.33 -10.61 14.58
N ALA B 22 -9.66 -11.76 14.77
CA ALA B 22 -10.21 -12.94 15.46
C ALA B 22 -10.57 -12.57 16.90
N ALA B 23 -9.64 -11.95 17.62
CA ALA B 23 -9.79 -11.54 19.04
C ALA B 23 -10.94 -10.54 19.17
N SER B 24 -10.99 -9.56 18.26
CA SER B 24 -11.99 -8.47 18.24
C SER B 24 -13.40 -9.05 18.01
N LEU B 25 -13.52 -9.98 17.06
N LEU B 25 -13.52 -9.97 17.05
CA LEU B 25 -14.80 -10.65 16.73
CA LEU B 25 -14.81 -10.65 16.74
C LEU B 25 -15.25 -11.50 17.93
C LEU B 25 -15.24 -11.49 17.95
N ALA B 26 -14.30 -12.21 18.57
CA ALA B 26 -14.55 -13.04 19.77
C ALA B 26 -15.10 -12.16 20.90
N ALA B 27 -14.55 -10.95 21.08
CA ALA B 27 -14.97 -9.98 22.12
C ALA B 27 -16.43 -9.58 21.89
N ILE B 28 -16.86 -9.42 20.64
CA ILE B 28 -18.26 -9.06 20.28
C ILE B 28 -19.16 -10.23 20.70
N LEU B 29 -18.80 -11.46 20.29
CA LEU B 29 -19.60 -12.68 20.55
C LEU B 29 -19.68 -12.95 22.06
N GLU B 30 -18.59 -12.71 22.79
CA GLU B 30 -18.52 -12.80 24.28
CA GLU B 30 -18.60 -12.88 24.28
C GLU B 30 -19.55 -11.85 24.89
N ALA B 31 -19.61 -10.62 24.33
CA ALA B 31 -20.48 -9.52 24.80
C ALA B 31 -21.95 -9.79 24.43
N ARG B 32 -22.23 -10.88 23.71
CA ARG B 32 -23.60 -11.35 23.40
C ARG B 32 -23.95 -12.56 24.28
N GLY B 33 -23.09 -12.88 25.26
CA GLY B 33 -23.30 -13.97 26.24
C GLY B 33 -22.88 -15.33 25.71
N LEU B 34 -22.25 -15.40 24.53
CA LEU B 34 -21.83 -16.68 23.92
C LEU B 34 -20.57 -17.20 24.61
N ASN B 35 -20.46 -18.52 24.74
CA ASN B 35 -19.25 -19.25 25.19
C ASN B 35 -18.33 -19.38 23.98
N VAL B 36 -17.29 -18.54 23.90
N VAL B 36 -17.29 -18.54 23.92
CA VAL B 36 -16.41 -18.40 22.71
CA VAL B 36 -16.39 -18.36 22.75
C VAL B 36 -14.96 -18.67 23.12
C VAL B 36 -14.96 -18.74 23.16
N THR B 37 -14.20 -19.33 22.23
CA THR B 37 -12.73 -19.54 22.39
C THR B 37 -12.06 -19.31 21.03
N ILE B 38 -10.73 -19.17 21.04
CA ILE B 38 -9.89 -18.94 19.83
C ILE B 38 -8.69 -19.89 19.91
N MET B 39 -8.23 -20.39 18.77
CA MET B 39 -6.96 -21.16 18.70
C MET B 39 -6.16 -20.70 17.48
N LYS B 40 -4.84 -20.81 17.59
CA LYS B 40 -3.87 -20.38 16.57
C LYS B 40 -3.17 -21.62 16.00
N LEU B 41 -3.27 -21.82 14.69
CA LEU B 41 -2.55 -22.88 13.94
C LEU B 41 -1.37 -22.21 13.24
N ASP B 42 -0.15 -22.54 13.66
CA ASP B 42 1.10 -21.89 13.19
C ASP B 42 1.81 -22.83 12.23
N PRO B 43 2.11 -22.38 10.98
CA PRO B 43 2.69 -23.26 9.96
C PRO B 43 4.20 -23.54 10.09
N TYR B 44 4.88 -22.99 11.10
CA TYR B 44 6.33 -23.21 11.29
C TYR B 44 6.56 -24.59 11.92
N ILE B 45 7.78 -25.10 11.78
CA ILE B 45 8.17 -26.52 12.05
C ILE B 45 8.60 -26.67 13.52
N ASN B 46 8.96 -25.57 14.20
CA ASN B 46 9.25 -25.59 15.65
C ASN B 46 8.10 -26.32 16.36
N VAL B 47 8.40 -27.29 17.21
CA VAL B 47 7.38 -28.09 17.95
C VAL B 47 6.55 -27.11 18.80
N ASP B 48 7.23 -26.10 19.37
CA ASP B 48 6.61 -24.91 20.01
C ASP B 48 7.60 -23.75 19.96
N PRO B 49 7.18 -22.50 20.27
CA PRO B 49 8.08 -21.35 20.21
C PRO B 49 9.06 -21.22 21.39
N GLY B 50 9.09 -22.21 22.29
CA GLY B 50 10.00 -22.24 23.46
C GLY B 50 11.45 -21.99 23.06
N THR B 51 11.86 -22.52 21.90
CA THR B 51 13.26 -22.45 21.38
C THR B 51 13.50 -21.14 20.60
N MET B 52 12.43 -20.47 20.15
CA MET B 52 12.51 -19.31 19.21
C MET B 52 12.95 -18.05 19.97
N SER B 53 13.84 -17.26 19.36
CA SER B 53 14.35 -15.96 19.90
C SER B 53 13.26 -14.89 19.75
N PRO B 54 13.12 -13.97 20.72
CA PRO B 54 12.11 -12.92 20.66
C PRO B 54 12.11 -12.04 19.41
N ILE B 55 13.30 -11.76 18.85
CA ILE B 55 13.50 -10.85 17.68
C ILE B 55 13.03 -11.54 16.39
N GLN B 56 12.54 -12.77 16.46
CA GLN B 56 12.18 -13.61 15.28
C GLN B 56 10.70 -13.39 14.93
N HIS B 57 9.77 -13.83 15.79
CA HIS B 57 8.31 -13.69 15.58
C HIS B 57 7.65 -13.10 16.84
N GLY B 58 8.41 -12.32 17.62
CA GLY B 58 7.92 -11.58 18.80
C GLY B 58 8.03 -12.39 20.08
N GLU B 59 7.38 -11.91 21.15
CA GLU B 59 7.44 -12.50 22.51
C GLU B 59 6.93 -13.95 22.46
N VAL B 60 7.53 -14.79 23.31
CA VAL B 60 6.96 -16.12 23.70
C VAL B 60 5.92 -15.86 24.80
N PHE B 61 4.64 -16.04 24.47
CA PHE B 61 3.53 -15.93 25.45
C PHE B 61 3.48 -17.23 26.26
N VAL B 62 3.14 -17.12 27.55
CA VAL B 62 3.03 -18.29 28.48
C VAL B 62 1.60 -18.31 29.04
N THR B 63 0.92 -19.44 28.88
CA THR B 63 -0.45 -19.68 29.42
C THR B 63 -0.34 -20.14 30.88
N GLU B 64 -1.47 -20.18 31.59
CA GLU B 64 -1.58 -20.67 32.99
C GLU B 64 -0.91 -22.05 33.14
N ASP B 65 -1.17 -22.97 32.20
CA ASP B 65 -0.72 -24.38 32.26
C ASP B 65 0.75 -24.50 31.87
N GLY B 66 1.42 -23.38 31.56
CA GLY B 66 2.88 -23.33 31.31
C GLY B 66 3.25 -23.62 29.87
N ALA B 67 2.30 -23.58 28.94
CA ALA B 67 2.55 -23.74 27.49
C ALA B 67 3.27 -22.49 26.98
N GLU B 68 4.31 -22.68 26.17
CA GLU B 68 5.00 -21.59 25.43
C GLU B 68 4.32 -21.47 24.06
N THR B 69 3.73 -20.31 23.75
CA THR B 69 2.77 -20.17 22.61
C THR B 69 3.08 -18.91 21.80
N ASP B 70 2.45 -18.82 20.63
CA ASP B 70 2.43 -17.61 19.77
C ASP B 70 1.85 -16.45 20.58
N LEU B 71 2.33 -15.22 20.33
CA LEU B 71 1.89 -14.01 21.06
C LEU B 71 0.42 -13.70 20.75
N ASP B 72 -0.15 -14.29 19.69
CA ASP B 72 -1.59 -14.14 19.35
C ASP B 72 -2.44 -14.54 20.56
N LEU B 73 -2.02 -15.54 21.34
CA LEU B 73 -2.79 -16.03 22.51
C LEU B 73 -2.84 -14.92 23.58
N GLY B 74 -1.85 -14.02 23.59
CA GLY B 74 -1.88 -12.77 24.36
C GLY B 74 -3.00 -11.84 23.90
N HIS B 75 -3.14 -11.64 22.59
CA HIS B 75 -4.27 -10.88 22.00
C HIS B 75 -5.59 -11.49 22.47
N TYR B 76 -5.69 -12.83 22.45
CA TYR B 76 -6.92 -13.58 22.79
C TYR B 76 -7.31 -13.28 24.25
N GLU B 77 -6.36 -13.40 25.18
CA GLU B 77 -6.62 -13.23 26.64
C GLU B 77 -6.95 -11.77 26.94
N ARG B 78 -6.40 -10.82 26.16
CA ARG B 78 -6.65 -9.37 26.35
C ARG B 78 -8.01 -8.98 25.77
N PHE B 79 -8.66 -9.84 24.99
CA PHE B 79 -9.95 -9.54 24.30
C PHE B 79 -11.11 -10.38 24.83
N ILE B 80 -10.85 -11.60 25.33
CA ILE B 80 -11.91 -12.48 25.93
C ILE B 80 -11.40 -13.05 27.25
N ARG B 81 -12.31 -13.47 28.12
CA ARG B 81 -12.01 -13.94 29.51
C ARG B 81 -11.82 -15.47 29.52
N THR B 82 -12.13 -16.17 28.41
CA THR B 82 -11.79 -17.60 28.23
C THR B 82 -10.26 -17.75 28.32
N LYS B 83 -9.76 -18.50 29.32
CA LYS B 83 -8.31 -18.67 29.58
C LYS B 83 -7.73 -19.64 28.55
N MET B 84 -6.58 -19.27 27.97
CA MET B 84 -5.89 -20.08 26.93
C MET B 84 -5.06 -21.16 27.62
N SER B 85 -4.87 -22.29 26.93
CA SER B 85 -4.04 -23.44 27.38
C SER B 85 -3.25 -23.99 26.19
N ARG B 86 -2.51 -25.08 26.39
CA ARG B 86 -1.71 -25.78 25.35
C ARG B 86 -2.57 -26.03 24.10
N ARG B 87 -3.86 -26.34 24.27
CA ARG B 87 -4.73 -26.81 23.15
C ARG B 87 -5.29 -25.64 22.33
N ASN B 88 -4.91 -24.39 22.65
CA ASN B 88 -5.32 -23.18 21.88
C ASN B 88 -4.22 -22.75 20.90
N ASN B 89 -3.13 -23.52 20.82
CA ASN B 89 -1.99 -23.22 19.91
C ASN B 89 -1.27 -24.52 19.57
N PHE B 90 -1.05 -24.79 18.28
CA PHE B 90 -0.16 -25.88 17.82
C PHE B 90 0.42 -25.53 16.45
N THR B 91 1.57 -26.13 16.15
CA THR B 91 2.40 -25.87 14.96
C THR B 91 2.36 -27.09 14.04
N THR B 92 2.80 -26.94 12.79
CA THR B 92 3.06 -28.05 11.85
C THR B 92 4.03 -29.04 12.53
N GLY B 93 5.08 -28.51 13.18
CA GLY B 93 6.07 -29.31 13.92
C GLY B 93 5.41 -30.26 14.90
N ARG B 94 4.48 -29.75 15.72
CA ARG B 94 3.72 -30.55 16.72
C ARG B 94 2.96 -31.67 15.99
N ILE B 95 2.30 -31.35 14.88
CA ILE B 95 1.45 -32.30 14.10
C ILE B 95 2.35 -33.43 13.55
N TYR B 96 3.43 -33.08 12.84
CA TYR B 96 4.36 -34.07 12.23
C TYR B 96 5.03 -34.90 13.34
N SER B 97 5.45 -34.25 14.44
CA SER B 97 6.06 -34.94 15.61
CA SER B 97 6.05 -34.93 15.62
C SER B 97 5.12 -36.03 16.12
N ASP B 98 3.85 -35.70 16.31
CA ASP B 98 2.80 -36.63 16.81
C ASP B 98 2.57 -37.76 15.81
N VAL B 99 2.43 -37.45 14.52
CA VAL B 99 2.15 -38.47 13.46
C VAL B 99 3.36 -39.40 13.32
N LEU B 100 4.58 -38.84 13.33
CA LEU B 100 5.85 -39.62 13.21
C LEU B 100 6.00 -40.56 14.42
N ARG B 101 5.64 -40.10 15.63
CA ARG B 101 5.70 -40.90 16.88
C ARG B 101 4.76 -42.11 16.73
N LYS B 102 3.49 -41.86 16.38
CA LYS B 102 2.44 -42.89 16.15
C LYS B 102 2.92 -43.87 15.06
N GLU B 103 3.54 -43.37 13.99
CA GLU B 103 3.95 -44.18 12.81
C GLU B 103 5.09 -45.14 13.20
N ARG B 104 6.11 -44.63 13.89
CA ARG B 104 7.36 -45.38 14.21
C ARG B 104 7.05 -46.53 15.18
N ARG B 105 6.03 -46.41 16.03
CA ARG B 105 5.68 -47.44 17.04
C ARG B 105 4.55 -48.36 16.51
N GLY B 106 3.96 -48.03 15.36
CA GLY B 106 3.13 -48.96 14.56
C GLY B 106 1.63 -48.77 14.75
N ASP B 107 1.17 -47.56 15.09
CA ASP B 107 -0.26 -47.25 15.37
C ASP B 107 -1.09 -47.24 14.09
N TYR B 108 -0.47 -47.04 12.92
CA TYR B 108 -1.16 -46.92 11.60
C TYR B 108 -1.21 -48.28 10.90
N LEU B 109 -0.73 -49.35 11.56
CA LEU B 109 -1.01 -50.77 11.18
C LEU B 109 -0.55 -51.03 9.74
N GLY B 110 0.66 -50.62 9.38
CA GLY B 110 1.28 -50.88 8.07
C GLY B 110 0.75 -49.99 6.96
N ALA B 111 -0.10 -49.01 7.28
CA ALA B 111 -0.64 -48.06 6.29
C ALA B 111 0.48 -47.13 5.81
N THR B 112 0.39 -46.68 4.56
CA THR B 112 1.19 -45.54 4.04
C THR B 112 0.67 -44.29 4.73
N VAL B 113 1.51 -43.61 5.50
CA VAL B 113 1.12 -42.37 6.23
C VAL B 113 1.30 -41.21 5.25
N GLN B 114 0.23 -40.43 5.04
CA GLN B 114 0.10 -39.44 3.95
C GLN B 114 -0.34 -38.09 4.52
N VAL B 115 -0.08 -37.00 3.81
CA VAL B 115 -0.57 -35.64 4.19
C VAL B 115 -2.09 -35.74 4.38
N ILE B 116 -2.76 -36.43 3.46
CA ILE B 116 -4.21 -36.78 3.55
C ILE B 116 -4.30 -38.30 3.48
N PRO B 117 -4.90 -38.99 4.48
CA PRO B 117 -5.62 -38.35 5.58
C PRO B 117 -4.89 -38.12 6.93
N HIS B 118 -3.66 -38.59 7.08
CA HIS B 118 -2.99 -38.75 8.41
C HIS B 118 -2.61 -37.39 9.01
N ILE B 119 -2.00 -36.49 8.23
CA ILE B 119 -1.62 -35.13 8.73
C ILE B 119 -2.91 -34.32 8.96
N THR B 120 -3.84 -34.34 8.00
CA THR B 120 -5.10 -33.55 8.07
C THR B 120 -5.97 -34.08 9.22
N ASN B 121 -6.05 -35.40 9.41
CA ASN B 121 -6.78 -36.02 10.56
C ASN B 121 -6.22 -35.49 11.88
N ALA B 122 -4.90 -35.46 12.03
CA ALA B 122 -4.20 -34.98 13.25
C ALA B 122 -4.57 -33.52 13.51
N ILE B 123 -4.67 -32.70 12.46
CA ILE B 123 -5.04 -31.25 12.56
C ILE B 123 -6.49 -31.15 13.05
N LYS B 124 -7.40 -31.87 12.40
CA LYS B 124 -8.85 -31.84 12.72
C LYS B 124 -9.09 -32.28 14.17
N GLU B 125 -8.36 -33.31 14.63
CA GLU B 125 -8.46 -33.83 16.02
C GLU B 125 -8.10 -32.72 17.02
N ARG B 126 -7.03 -31.97 16.78
CA ARG B 126 -6.56 -30.89 17.70
C ARG B 126 -7.54 -29.70 17.64
N VAL B 127 -8.11 -29.40 16.47
CA VAL B 127 -9.13 -28.31 16.33
C VAL B 127 -10.37 -28.69 17.16
N LEU B 128 -10.87 -29.92 17.02
CA LEU B 128 -12.06 -30.43 17.78
C LEU B 128 -11.75 -30.43 19.29
N GLU B 129 -10.56 -30.89 19.69
CA GLU B 129 -10.17 -31.00 21.12
C GLU B 129 -10.14 -29.59 21.74
N GLY B 130 -9.62 -28.60 21.01
CA GLY B 130 -9.58 -27.19 21.45
C GLY B 130 -10.94 -26.52 21.38
N GLY B 131 -11.84 -27.03 20.51
CA GLY B 131 -13.19 -26.49 20.28
C GLY B 131 -14.20 -26.95 21.32
N GLU B 132 -13.97 -28.11 21.94
CA GLU B 132 -14.67 -28.62 23.15
C GLU B 132 -16.19 -28.39 23.03
N GLY B 133 -16.84 -27.99 24.13
CA GLY B 133 -18.23 -27.51 24.18
C GLY B 133 -18.27 -26.00 24.33
N HIS B 134 -17.79 -25.28 23.32
CA HIS B 134 -17.97 -23.82 23.14
C HIS B 134 -19.09 -23.60 22.11
N ASP B 135 -19.76 -22.46 22.17
CA ASP B 135 -20.81 -22.08 21.18
C ASP B 135 -20.11 -21.79 19.84
N VAL B 136 -19.06 -20.98 19.89
CA VAL B 136 -18.29 -20.52 18.68
C VAL B 136 -16.79 -20.70 18.96
N VAL B 137 -16.08 -21.34 18.03
CA VAL B 137 -14.60 -21.53 18.07
C VAL B 137 -14.01 -20.81 16.87
N LEU B 138 -13.22 -19.76 17.09
CA LEU B 138 -12.46 -19.05 16.03
C LEU B 138 -11.11 -19.77 15.86
N VAL B 139 -10.82 -20.22 14.64
CA VAL B 139 -9.60 -21.00 14.30
C VAL B 139 -8.77 -20.14 13.34
N GLU B 140 -7.72 -19.49 13.87
CA GLU B 140 -6.84 -18.58 13.11
C GLU B 140 -5.76 -19.44 12.42
N ILE B 141 -5.71 -19.39 11.10
CA ILE B 141 -4.70 -20.10 10.27
C ILE B 141 -3.55 -19.14 9.98
N GLY B 142 -2.37 -19.43 10.53
CA GLY B 142 -1.14 -18.66 10.25
C GLY B 142 -0.71 -18.79 8.80
N GLY B 143 0.17 -17.90 8.35
CA GLY B 143 0.66 -17.85 6.96
C GLY B 143 -0.36 -17.17 6.05
N THR B 144 -0.06 -17.16 4.76
CA THR B 144 -0.86 -16.48 3.70
C THR B 144 -1.36 -17.56 2.73
N VAL B 145 -2.65 -17.50 2.39
CA VAL B 145 -3.30 -18.45 1.43
C VAL B 145 -2.51 -18.38 0.12
N GLY B 146 -2.10 -19.53 -0.41
CA GLY B 146 -1.31 -19.64 -1.66
C GLY B 146 0.11 -20.12 -1.39
N ASP B 147 0.57 -20.02 -0.14
CA ASP B 147 1.91 -20.50 0.28
C ASP B 147 1.81 -22.01 0.57
N ILE B 148 2.95 -22.70 0.47
CA ILE B 148 3.07 -24.16 0.70
C ILE B 148 2.72 -24.50 2.15
N GLU B 149 3.21 -23.67 3.09
CA GLU B 149 3.31 -24.04 4.53
C GLU B 149 1.92 -24.23 5.17
N SER B 150 0.87 -23.58 4.66
CA SER B 150 -0.48 -23.57 5.27
CA SER B 150 -0.48 -23.58 5.28
C SER B 150 -1.43 -24.56 4.57
N LEU B 151 -1.00 -25.19 3.47
CA LEU B 151 -1.89 -26.03 2.64
C LEU B 151 -2.51 -27.17 3.44
N PRO B 152 -1.76 -27.92 4.29
CA PRO B 152 -2.38 -28.96 5.12
C PRO B 152 -3.44 -28.43 6.10
N PHE B 153 -3.21 -27.28 6.73
CA PHE B 153 -4.22 -26.60 7.59
C PHE B 153 -5.48 -26.30 6.78
N LEU B 154 -5.33 -25.78 5.57
CA LEU B 154 -6.45 -25.35 4.70
C LEU B 154 -7.24 -26.57 4.22
N GLU B 155 -6.56 -27.64 3.81
CA GLU B 155 -7.20 -28.92 3.39
C GLU B 155 -7.97 -29.51 4.58
N ALA B 156 -7.37 -29.48 5.78
CA ALA B 156 -7.97 -29.98 7.04
C ALA B 156 -9.30 -29.25 7.32
N ILE B 157 -9.30 -27.91 7.30
CA ILE B 157 -10.50 -27.10 7.66
C ILE B 157 -11.56 -27.22 6.54
N ARG B 158 -11.14 -27.40 5.28
CA ARG B 158 -12.07 -27.68 4.16
C ARG B 158 -12.86 -28.95 4.48
N GLN B 159 -12.17 -30.03 4.88
CA GLN B 159 -12.79 -31.34 5.21
C GLN B 159 -13.74 -31.18 6.40
N MET B 160 -13.35 -30.40 7.42
CA MET B 160 -14.17 -30.12 8.63
C MET B 160 -15.49 -29.46 8.20
N ALA B 161 -15.43 -28.45 7.32
CA ALA B 161 -16.62 -27.70 6.82
C ALA B 161 -17.62 -28.68 6.21
N VAL B 162 -17.15 -29.60 5.35
CA VAL B 162 -17.98 -30.63 4.67
C VAL B 162 -18.60 -31.55 5.73
N GLU B 163 -17.78 -32.11 6.62
CA GLU B 163 -18.20 -33.10 7.67
C GLU B 163 -19.23 -32.48 8.62
N ILE B 164 -18.86 -31.38 9.28
CA ILE B 164 -19.70 -30.67 10.30
C ILE B 164 -20.91 -30.05 9.59
N GLY B 165 -20.72 -29.56 8.36
CA GLY B 165 -21.76 -28.90 7.56
C GLY B 165 -21.67 -27.39 7.67
N ARG B 166 -22.23 -26.68 6.70
CA ARG B 166 -22.07 -25.21 6.54
C ARG B 166 -23.05 -24.45 7.43
N GLU B 167 -23.96 -25.16 8.11
N GLU B 167 -23.96 -25.16 8.10
CA GLU B 167 -24.88 -24.57 9.13
CA GLU B 167 -24.88 -24.61 9.13
C GLU B 167 -24.10 -24.29 10.42
C GLU B 167 -24.08 -24.27 10.40
N HIS B 168 -22.91 -24.89 10.59
CA HIS B 168 -22.06 -24.73 11.81
C HIS B 168 -20.60 -24.39 11.45
N THR B 169 -20.30 -23.99 10.21
CA THR B 169 -18.93 -23.57 9.78
C THR B 169 -19.01 -22.36 8.86
N LEU B 170 -18.13 -21.38 9.10
CA LEU B 170 -17.96 -20.15 8.29
C LEU B 170 -16.48 -19.97 7.97
N PHE B 171 -16.18 -19.49 6.76
CA PHE B 171 -14.81 -19.11 6.33
C PHE B 171 -14.72 -17.59 6.31
N MET B 172 -13.95 -17.00 7.22
CA MET B 172 -13.69 -15.54 7.30
C MET B 172 -12.26 -15.28 6.79
N HIS B 173 -12.13 -14.64 5.63
CA HIS B 173 -10.85 -14.42 4.91
C HIS B 173 -10.49 -12.94 4.95
N LEU B 174 -9.33 -12.60 5.52
CA LEU B 174 -8.74 -11.25 5.53
C LEU B 174 -7.93 -11.05 4.25
N THR B 175 -8.05 -9.88 3.61
N THR B 175 -8.00 -9.85 3.67
CA THR B 175 -7.24 -9.45 2.43
CA THR B 175 -7.26 -9.44 2.46
C THR B 175 -6.72 -8.03 2.64
C THR B 175 -6.73 -8.02 2.64
N LEU B 176 -5.69 -7.66 1.89
CA LEU B 176 -5.16 -6.27 1.82
C LEU B 176 -5.80 -5.56 0.62
N VAL B 177 -6.35 -4.38 0.86
CA VAL B 177 -6.91 -3.45 -0.16
C VAL B 177 -6.03 -2.20 -0.13
N PRO B 178 -4.89 -2.19 -0.86
CA PRO B 178 -3.91 -1.13 -0.74
C PRO B 178 -4.31 0.17 -1.46
N TYR B 179 -3.82 1.30 -0.96
CA TYR B 179 -4.01 2.66 -1.52
C TYR B 179 -2.90 2.92 -2.54
N MET B 180 -3.26 3.37 -3.74
CA MET B 180 -2.32 3.84 -4.79
C MET B 180 -2.31 5.37 -4.79
N ALA B 181 -1.18 5.99 -4.42
CA ALA B 181 -1.02 7.44 -4.23
C ALA B 181 -1.36 8.20 -5.52
N ALA B 182 -0.79 7.76 -6.66
CA ALA B 182 -0.88 8.45 -7.97
C ALA B 182 -2.35 8.55 -8.43
N SER B 183 -3.13 7.47 -8.29
CA SER B 183 -4.54 7.38 -8.75
C SER B 183 -5.50 7.77 -7.61
N GLY B 184 -5.03 7.75 -6.36
CA GLY B 184 -5.83 8.09 -5.17
C GLY B 184 -6.99 7.13 -4.96
N GLU B 185 -6.83 5.85 -5.33
CA GLU B 185 -7.88 4.81 -5.21
C GLU B 185 -7.34 3.63 -4.40
N VAL B 186 -8.20 2.96 -3.64
CA VAL B 186 -7.91 1.65 -2.97
C VAL B 186 -8.23 0.55 -3.98
N LYS B 187 -7.41 -0.51 -4.02
CA LYS B 187 -7.40 -1.52 -5.11
C LYS B 187 -7.97 -2.84 -4.58
N THR B 188 -9.01 -3.36 -5.24
CA THR B 188 -9.69 -4.63 -4.90
C THR B 188 -9.04 -5.82 -5.60
N LYS B 189 -8.11 -5.59 -6.54
CA LYS B 189 -7.57 -6.67 -7.41
C LYS B 189 -6.90 -7.74 -6.55
N PRO B 190 -6.04 -7.40 -5.57
CA PRO B 190 -5.44 -8.41 -4.69
C PRO B 190 -6.48 -9.29 -3.99
N THR B 191 -7.60 -8.71 -3.55
CA THR B 191 -8.75 -9.45 -2.94
C THR B 191 -9.32 -10.43 -3.97
N GLN B 192 -9.56 -9.97 -5.20
CA GLN B 192 -10.12 -10.81 -6.30
C GLN B 192 -9.20 -12.03 -6.50
N HIS B 193 -7.89 -11.81 -6.61
CA HIS B 193 -6.89 -12.86 -6.90
C HIS B 193 -6.72 -13.79 -5.69
N SER B 194 -6.74 -13.25 -4.47
CA SER B 194 -6.56 -14.02 -3.21
C SER B 194 -7.76 -14.97 -3.01
N VAL B 195 -8.98 -14.51 -3.29
CA VAL B 195 -10.22 -15.34 -3.15
C VAL B 195 -10.17 -16.50 -4.17
N LYS B 196 -9.72 -16.25 -5.39
CA LYS B 196 -9.56 -17.30 -6.44
C LYS B 196 -8.52 -18.33 -5.98
N GLU B 197 -7.44 -17.87 -5.35
CA GLU B 197 -6.38 -18.74 -4.75
C GLU B 197 -7.01 -19.61 -3.65
N LEU B 198 -7.81 -19.03 -2.76
CA LEU B 198 -8.48 -19.75 -1.65
C LEU B 198 -9.45 -20.78 -2.25
N LEU B 199 -10.20 -20.41 -3.29
CA LEU B 199 -11.15 -21.31 -4.00
C LEU B 199 -10.39 -22.47 -4.65
N SER B 200 -9.23 -22.21 -5.26
CA SER B 200 -8.40 -23.25 -5.94
C SER B 200 -7.93 -24.31 -4.92
N ILE B 201 -7.95 -23.99 -3.63
CA ILE B 201 -7.60 -24.90 -2.50
C ILE B 201 -8.87 -25.60 -2.00
N GLY B 202 -10.05 -25.16 -2.47
CA GLY B 202 -11.35 -25.82 -2.24
C GLY B 202 -12.22 -25.09 -1.24
N ILE B 203 -11.87 -23.85 -0.88
CA ILE B 203 -12.58 -23.05 0.16
C ILE B 203 -13.23 -21.82 -0.49
N GLN B 204 -14.56 -21.74 -0.43
CA GLN B 204 -15.34 -20.52 -0.76
C GLN B 204 -15.44 -19.69 0.51
N PRO B 205 -14.83 -18.48 0.56
CA PRO B 205 -14.99 -17.61 1.73
C PRO B 205 -16.45 -17.16 1.85
N ASP B 206 -16.95 -17.05 3.08
CA ASP B 206 -18.31 -16.60 3.43
C ASP B 206 -18.28 -15.12 3.81
N ILE B 207 -17.17 -14.68 4.40
CA ILE B 207 -16.96 -13.29 4.90
C ILE B 207 -15.59 -12.84 4.43
N LEU B 208 -15.49 -11.61 3.91
CA LEU B 208 -14.23 -10.96 3.51
C LEU B 208 -13.99 -9.76 4.42
N ILE B 209 -12.89 -9.80 5.18
CA ILE B 209 -12.42 -8.67 6.04
C ILE B 209 -11.35 -7.92 5.24
N CYS B 210 -11.70 -6.72 4.76
CA CYS B 210 -10.86 -5.89 3.86
C CYS B 210 -10.02 -4.93 4.70
N ARG B 211 -8.74 -5.26 4.88
CA ARG B 211 -7.75 -4.42 5.61
C ARG B 211 -7.20 -3.36 4.66
N SER B 212 -7.18 -2.11 5.09
CA SER B 212 -6.66 -0.94 4.33
C SER B 212 -6.25 0.15 5.32
N ASP B 213 -5.53 1.17 4.85
CA ASP B 213 -5.08 2.31 5.67
C ASP B 213 -6.23 3.33 5.79
N ARG B 214 -7.40 3.01 5.24
CA ARG B 214 -8.63 3.84 5.28
C ARG B 214 -9.84 2.93 5.03
N ALA B 215 -11.05 3.42 5.27
CA ALA B 215 -12.31 2.69 5.03
C ALA B 215 -12.36 2.28 3.56
N VAL B 216 -12.82 1.07 3.26
CA VAL B 216 -13.08 0.58 1.88
C VAL B 216 -14.47 1.03 1.49
N PRO B 217 -14.62 1.96 0.52
CA PRO B 217 -15.93 2.52 0.17
C PRO B 217 -16.88 1.49 -0.44
N ALA B 218 -18.17 1.83 -0.52
CA ALA B 218 -19.29 0.95 -0.93
C ALA B 218 -19.01 0.37 -2.33
N ASN B 219 -18.52 1.20 -3.25
CA ASN B 219 -18.24 0.81 -4.66
C ASN B 219 -17.23 -0.34 -4.69
N GLU B 220 -16.13 -0.21 -3.93
CA GLU B 220 -15.04 -1.23 -3.85
C GLU B 220 -15.58 -2.50 -3.19
N ARG B 221 -16.34 -2.38 -2.09
CA ARG B 221 -16.95 -3.54 -1.38
C ARG B 221 -17.92 -4.27 -2.33
N ALA B 222 -18.73 -3.53 -3.08
CA ALA B 222 -19.71 -4.06 -4.06
C ALA B 222 -18.96 -4.80 -5.19
N LYS B 223 -17.82 -4.27 -5.62
CA LYS B 223 -16.96 -4.89 -6.65
C LYS B 223 -16.39 -6.21 -6.13
N ILE B 224 -15.85 -6.21 -4.90
CA ILE B 224 -15.30 -7.43 -4.23
C ILE B 224 -16.39 -8.50 -4.20
N ALA B 225 -17.59 -8.14 -3.72
CA ALA B 225 -18.77 -9.02 -3.63
C ALA B 225 -19.07 -9.65 -4.99
N LEU B 226 -19.07 -8.82 -6.06
CA LEU B 226 -19.43 -9.23 -7.44
C LEU B 226 -18.51 -10.36 -7.93
N PHE B 227 -17.21 -10.27 -7.63
CA PHE B 227 -16.18 -11.16 -8.22
C PHE B 227 -15.88 -12.37 -7.31
N CYS B 228 -16.37 -12.39 -6.07
CA CYS B 228 -15.90 -13.34 -5.02
C CYS B 228 -17.02 -14.27 -4.53
N ASN B 229 -18.22 -14.20 -5.11
CA ASN B 229 -19.40 -15.03 -4.70
C ASN B 229 -19.73 -14.77 -3.22
N VAL B 230 -19.48 -13.56 -2.73
CA VAL B 230 -19.74 -13.17 -1.31
C VAL B 230 -20.82 -12.09 -1.30
N PRO B 231 -21.87 -12.22 -0.46
CA PRO B 231 -22.88 -11.17 -0.32
C PRO B 231 -22.24 -9.83 0.08
N GLU B 232 -22.73 -8.73 -0.45
CA GLU B 232 -22.20 -7.36 -0.20
C GLU B 232 -22.10 -7.09 1.31
N LYS B 233 -23.08 -7.54 2.09
CA LYS B 233 -23.14 -7.29 3.57
C LYS B 233 -22.07 -8.10 4.29
N ALA B 234 -21.53 -9.15 3.67
CA ALA B 234 -20.46 -10.02 4.21
C ALA B 234 -19.08 -9.52 3.78
N VAL B 235 -19.00 -8.40 3.04
CA VAL B 235 -17.72 -7.70 2.72
C VAL B 235 -17.55 -6.58 3.74
N ILE B 236 -16.63 -6.75 4.69
CA ILE B 236 -16.45 -5.88 5.88
C ILE B 236 -15.19 -5.04 5.71
N SER B 237 -15.27 -3.74 6.00
CA SER B 237 -14.15 -2.79 6.00
C SER B 237 -13.49 -2.80 7.39
N LEU B 238 -12.19 -3.08 7.46
CA LEU B 238 -11.39 -2.99 8.71
C LEU B 238 -10.16 -2.12 8.43
N LYS B 239 -10.33 -0.80 8.54
CA LYS B 239 -9.27 0.20 8.31
C LYS B 239 -8.21 0.09 9.41
N ASP B 240 -7.03 0.67 9.17
CA ASP B 240 -6.01 0.92 10.22
C ASP B 240 -6.61 1.92 11.22
N VAL B 241 -6.64 1.57 12.51
CA VAL B 241 -7.18 2.43 13.60
C VAL B 241 -6.04 2.80 14.55
N ASP B 242 -6.19 3.89 15.31
CA ASP B 242 -5.19 4.38 16.28
C ASP B 242 -5.23 3.53 17.55
N SER B 243 -6.32 2.77 17.77
CA SER B 243 -6.51 1.86 18.92
C SER B 243 -7.26 0.59 18.50
N ILE B 244 -6.65 -0.57 18.73
CA ILE B 244 -7.25 -1.92 18.42
C ILE B 244 -8.53 -2.13 19.24
N TYR B 245 -8.68 -1.43 20.36
CA TYR B 245 -9.86 -1.55 21.27
C TYR B 245 -11.13 -1.05 20.55
N LYS B 246 -10.97 -0.27 19.48
CA LYS B 246 -12.09 0.29 18.69
C LYS B 246 -12.64 -0.76 17.71
N ILE B 247 -11.88 -1.82 17.43
CA ILE B 247 -12.19 -2.77 16.31
C ILE B 247 -13.49 -3.52 16.59
N PRO B 248 -13.75 -4.02 17.83
CA PRO B 248 -15.04 -4.67 18.11
C PRO B 248 -16.25 -3.81 17.71
N GLY B 249 -16.21 -2.51 18.04
CA GLY B 249 -17.26 -1.53 17.69
C GLY B 249 -17.41 -1.35 16.18
N LEU B 250 -16.28 -1.25 15.46
N LEU B 250 -16.28 -1.24 15.47
CA LEU B 250 -16.25 -1.02 13.99
CA LEU B 250 -16.20 -1.04 14.01
C LEU B 250 -16.83 -2.24 13.27
C LEU B 250 -16.81 -2.24 13.28
N LEU B 251 -16.51 -3.46 13.72
CA LEU B 251 -17.04 -4.72 13.14
C LEU B 251 -18.54 -4.84 13.45
N LYS B 252 -18.95 -4.51 14.68
CA LYS B 252 -20.36 -4.58 15.12
C LYS B 252 -21.21 -3.63 14.25
N SER B 253 -20.72 -2.42 14.00
CA SER B 253 -21.43 -1.36 13.23
C SER B 253 -21.70 -1.82 11.78
N GLN B 254 -20.97 -2.83 11.29
CA GLN B 254 -21.13 -3.37 9.91
C GLN B 254 -21.91 -4.69 9.95
N GLY B 255 -22.39 -5.11 11.12
CA GLY B 255 -23.33 -6.23 11.29
C GLY B 255 -22.65 -7.59 11.22
N LEU B 256 -21.33 -7.66 11.40
CA LEU B 256 -20.55 -8.92 11.27
C LEU B 256 -21.08 -9.98 12.24
N ASP B 257 -21.31 -9.63 13.51
CA ASP B 257 -21.76 -10.58 14.55
C ASP B 257 -23.22 -11.00 14.27
N ASP B 258 -24.04 -10.11 13.71
CA ASP B 258 -25.43 -10.42 13.28
C ASP B 258 -25.37 -11.50 12.19
N TYR B 259 -24.54 -11.30 11.16
CA TYR B 259 -24.38 -12.24 10.02
C TYR B 259 -23.99 -13.62 10.55
N ILE B 260 -23.02 -13.67 11.46
CA ILE B 260 -22.46 -14.92 12.07
C ILE B 260 -23.56 -15.64 12.86
N CYS B 261 -24.26 -14.92 13.73
CA CYS B 261 -25.35 -15.46 14.59
C CYS B 261 -26.51 -15.96 13.73
N LYS B 262 -26.82 -15.27 12.63
CA LYS B 262 -27.87 -15.68 11.66
C LYS B 262 -27.48 -17.00 11.00
N ARG B 263 -26.24 -17.09 10.48
CA ARG B 263 -25.70 -18.29 9.80
C ARG B 263 -25.71 -19.49 10.77
N PHE B 264 -25.35 -19.26 12.04
CA PHE B 264 -25.22 -20.33 13.07
C PHE B 264 -26.55 -20.55 13.81
N SER B 265 -27.60 -19.79 13.47
CA SER B 265 -28.95 -19.87 14.11
C SER B 265 -28.83 -19.62 15.61
N LEU B 266 -28.00 -18.66 16.01
CA LEU B 266 -27.74 -18.31 17.44
C LEU B 266 -28.67 -17.15 17.84
N ASN B 267 -29.69 -17.44 18.63
CA ASN B 267 -30.59 -16.41 19.24
CA ASN B 267 -30.59 -16.41 19.24
C ASN B 267 -29.94 -15.92 20.53
N CYS B 268 -29.29 -14.75 20.47
CA CYS B 268 -28.59 -14.13 21.62
C CYS B 268 -28.78 -12.61 21.56
N PRO B 269 -28.75 -11.90 22.70
CA PRO B 269 -28.99 -10.45 22.71
C PRO B 269 -27.90 -9.67 21.96
N GLU B 270 -28.22 -8.42 21.59
CA GLU B 270 -27.30 -7.47 20.93
C GLU B 270 -26.05 -7.30 21.81
N ALA B 271 -24.87 -7.22 21.19
CA ALA B 271 -23.56 -7.05 21.86
C ALA B 271 -23.55 -5.75 22.67
N ASN B 272 -23.26 -5.85 23.97
CA ASN B 272 -23.03 -4.69 24.87
C ASN B 272 -21.51 -4.45 24.96
N LEU B 273 -21.01 -3.45 24.23
CA LEU B 273 -19.56 -3.14 24.12
C LEU B 273 -19.17 -2.01 25.09
N SER B 274 -19.96 -1.82 26.16
CA SER B 274 -19.76 -0.76 27.19
C SER B 274 -18.34 -0.81 27.76
N GLU B 275 -17.83 -2.02 28.03
CA GLU B 275 -16.48 -2.25 28.62
C GLU B 275 -15.41 -1.72 27.65
N TRP B 276 -15.60 -1.92 26.35
CA TRP B 276 -14.66 -1.47 25.28
C TRP B 276 -14.79 0.05 25.09
N GLU B 277 -16.02 0.55 25.07
CA GLU B 277 -16.33 2.01 25.03
C GLU B 277 -15.61 2.70 26.18
N GLN B 278 -15.59 2.10 27.38
CA GLN B 278 -14.94 2.66 28.58
C GLN B 278 -13.42 2.72 28.39
N VAL B 279 -12.81 1.61 27.94
CA VAL B 279 -11.35 1.54 27.63
C VAL B 279 -11.00 2.67 26.65
N ILE B 280 -11.78 2.81 25.58
CA ILE B 280 -11.57 3.83 24.51
C ILE B 280 -11.67 5.24 25.13
N PHE B 281 -12.68 5.47 25.98
CA PHE B 281 -12.93 6.76 26.67
C PHE B 281 -11.72 7.12 27.55
N GLU B 282 -11.29 6.17 28.39
CA GLU B 282 -10.12 6.33 29.30
C GLU B 282 -8.91 6.76 28.47
N GLU B 283 -8.63 6.02 27.38
CA GLU B 283 -7.47 6.22 26.48
C GLU B 283 -7.52 7.62 25.84
N ALA B 284 -8.71 8.06 25.42
CA ALA B 284 -8.92 9.34 24.69
C ALA B 284 -8.94 10.53 25.67
N ASN B 285 -8.95 10.30 26.98
CA ASN B 285 -9.09 11.37 28.00
C ASN B 285 -8.04 11.21 29.09
N PRO B 286 -6.73 11.32 28.75
CA PRO B 286 -5.67 11.35 29.75
C PRO B 286 -5.63 12.71 30.45
N VAL B 287 -5.14 12.75 31.70
CA VAL B 287 -5.02 13.99 32.51
C VAL B 287 -3.58 14.52 32.37
N SER B 288 -2.59 13.63 32.43
CA SER B 288 -1.14 13.97 32.36
C SER B 288 -0.41 12.99 31.44
N GLU B 289 0.89 13.23 31.24
CA GLU B 289 1.77 12.48 30.30
C GLU B 289 3.04 12.07 31.04
N VAL B 290 3.56 10.86 30.76
CA VAL B 290 4.87 10.35 31.29
C VAL B 290 5.65 9.71 30.15
N THR B 291 6.99 9.77 30.22
CA THR B 291 7.91 9.03 29.33
C THR B 291 8.57 7.91 30.14
N ILE B 292 8.19 6.66 29.87
CA ILE B 292 8.78 5.45 30.52
C ILE B 292 9.78 4.83 29.53
N GLY B 293 11.03 4.67 29.96
CA GLY B 293 12.09 4.01 29.17
C GLY B 293 12.06 2.51 29.38
N MET B 294 11.99 1.74 28.30
CA MET B 294 12.13 0.25 28.33
C MET B 294 13.53 -0.09 27.82
N VAL B 295 14.41 -0.53 28.72
CA VAL B 295 15.85 -0.81 28.46
C VAL B 295 16.04 -2.32 28.37
N GLY B 296 16.22 -2.85 27.15
CA GLY B 296 16.34 -4.28 26.87
C GLY B 296 17.25 -4.56 25.68
N LYS B 297 17.37 -5.83 25.29
CA LYS B 297 18.36 -6.31 24.28
C LYS B 297 17.64 -6.73 22.99
N TYR B 298 16.32 -6.59 22.90
CA TYR B 298 15.51 -7.06 21.75
C TYR B 298 14.70 -5.92 21.12
N ILE B 299 15.09 -4.65 21.33
CA ILE B 299 14.26 -3.47 20.98
C ILE B 299 14.13 -3.35 19.45
N GLU B 300 15.00 -4.03 18.68
CA GLU B 300 14.99 -4.01 17.19
C GLU B 300 13.63 -4.51 16.67
N LEU B 301 13.01 -5.49 17.34
CA LEU B 301 11.60 -5.92 17.07
C LEU B 301 10.75 -5.63 18.30
N PRO B 302 9.98 -4.51 18.32
CA PRO B 302 9.10 -4.18 19.44
C PRO B 302 8.16 -5.30 19.90
N ASP B 303 7.69 -6.15 18.98
CA ASP B 303 6.78 -7.29 19.28
C ASP B 303 7.46 -8.29 20.22
N ALA B 304 8.79 -8.21 20.38
CA ALA B 304 9.56 -8.94 21.41
C ALA B 304 9.02 -8.63 22.82
N TYR B 305 8.43 -7.44 23.01
CA TYR B 305 7.90 -6.93 24.30
C TYR B 305 6.41 -6.61 24.20
N LYS B 306 5.68 -7.33 23.33
CA LYS B 306 4.26 -7.05 22.98
C LYS B 306 3.42 -6.86 24.26
N SER B 307 3.40 -7.86 25.13
CA SER B 307 2.55 -7.90 26.36
C SER B 307 3.01 -6.82 27.35
N VAL B 308 4.31 -6.56 27.45
CA VAL B 308 4.88 -5.54 28.38
C VAL B 308 4.41 -4.15 27.93
N ILE B 309 4.55 -3.85 26.63
CA ILE B 309 4.12 -2.57 26.01
C ILE B 309 2.62 -2.37 26.26
N GLU B 310 1.80 -3.41 26.04
CA GLU B 310 0.34 -3.35 26.27
C GLU B 310 0.06 -3.11 27.76
N ALA B 311 0.77 -3.81 28.66
CA ALA B 311 0.59 -3.73 30.14
C ALA B 311 0.85 -2.29 30.61
N LEU B 312 1.85 -1.62 30.05
CA LEU B 312 2.20 -0.21 30.37
C LEU B 312 1.05 0.71 29.92
N LYS B 313 0.47 0.46 28.74
CA LYS B 313 -0.70 1.21 28.22
C LYS B 313 -1.90 1.02 29.16
N HIS B 314 -2.12 -0.21 29.63
CA HIS B 314 -3.21 -0.55 30.60
C HIS B 314 -2.96 0.18 31.92
N GLY B 315 -1.71 0.27 32.36
CA GLY B 315 -1.28 1.06 33.53
C GLY B 315 -1.68 2.50 33.40
N GLY B 316 -1.53 3.06 32.19
CA GLY B 316 -1.94 4.43 31.82
C GLY B 316 -3.46 4.62 31.91
N LEU B 317 -4.24 3.68 31.36
CA LEU B 317 -5.72 3.72 31.37
C LEU B 317 -6.23 3.89 32.80
N LYS B 318 -5.64 3.14 33.74
CA LYS B 318 -6.09 3.05 35.16
C LYS B 318 -5.72 4.31 35.94
N ASN B 319 -4.77 5.12 35.44
CA ASN B 319 -4.29 6.37 36.11
C ASN B 319 -4.69 7.60 35.29
N ARG B 320 -5.34 7.41 34.14
CA ARG B 320 -5.55 8.46 33.11
C ARG B 320 -4.21 9.14 32.81
N VAL B 321 -3.17 8.34 32.58
CA VAL B 321 -1.80 8.80 32.21
C VAL B 321 -1.51 8.29 30.79
N SER B 322 -1.12 9.20 29.90
CA SER B 322 -0.62 8.89 28.54
C SER B 322 0.84 8.47 28.66
N VAL B 323 1.15 7.20 28.40
CA VAL B 323 2.53 6.63 28.54
C VAL B 323 3.23 6.71 27.18
N ASN B 324 4.22 7.59 27.06
CA ASN B 324 5.20 7.60 25.94
C ASN B 324 6.26 6.55 26.25
N ILE B 325 6.22 5.41 25.55
CA ILE B 325 7.19 4.29 25.74
C ILE B 325 8.40 4.55 24.83
N LYS B 326 9.56 4.78 25.44
CA LYS B 326 10.86 4.97 24.72
C LYS B 326 11.63 3.64 24.80
N LEU B 327 11.79 2.96 23.66
CA LEU B 327 12.58 1.71 23.56
C LEU B 327 14.07 2.08 23.49
N ILE B 328 14.84 1.65 24.49
CA ILE B 328 16.30 1.97 24.63
C ILE B 328 17.10 0.66 24.61
N ASP B 329 18.04 0.54 23.68
CA ASP B 329 19.00 -0.59 23.58
C ASP B 329 19.92 -0.55 24.81
N SER B 330 19.98 -1.64 25.57
CA SER B 330 20.82 -1.76 26.80
C SER B 330 22.31 -1.73 26.41
N GLN B 331 22.66 -2.11 25.18
CA GLN B 331 24.06 -2.09 24.66
C GLN B 331 24.49 -0.64 24.41
N ASP B 332 23.56 0.26 24.08
CA ASP B 332 23.84 1.71 23.92
C ASP B 332 24.22 2.31 25.28
N VAL B 333 23.66 1.78 26.37
CA VAL B 333 24.01 2.19 27.78
C VAL B 333 25.45 1.77 28.06
N GLU B 334 25.88 0.61 27.54
CA GLU B 334 27.27 0.10 27.70
C GLU B 334 28.24 1.01 26.95
N THR B 335 27.87 1.43 25.72
CA THR B 335 28.69 2.27 24.82
C THR B 335 28.66 3.73 25.28
N ARG B 336 27.50 4.39 25.15
CA ARG B 336 27.33 5.87 25.28
C ARG B 336 27.13 6.26 26.75
N GLY B 337 26.94 5.29 27.65
CA GLY B 337 26.80 5.53 29.10
C GLY B 337 25.40 5.93 29.49
N VAL B 338 25.24 6.41 30.74
CA VAL B 338 23.95 6.68 31.43
C VAL B 338 23.23 7.88 30.79
N GLU B 339 23.95 8.68 29.99
CA GLU B 339 23.44 9.95 29.38
C GLU B 339 22.11 9.70 28.63
N ILE B 340 21.92 8.50 28.06
CA ILE B 340 20.76 8.16 27.19
C ILE B 340 19.54 7.75 28.03
N LEU B 341 19.68 7.69 29.37
CA LEU B 341 18.56 7.39 30.32
C LEU B 341 17.98 8.71 30.88
N LYS B 342 18.44 9.85 30.36
CA LYS B 342 18.00 11.20 30.81
C LYS B 342 16.56 11.44 30.35
N GLY B 343 15.79 12.23 31.12
CA GLY B 343 14.43 12.66 30.78
C GLY B 343 13.41 11.53 30.81
N LEU B 344 13.65 10.52 31.65
CA LEU B 344 12.73 9.37 31.87
C LEU B 344 12.02 9.54 33.21
N ASP B 345 10.70 9.34 33.22
CA ASP B 345 9.83 9.42 34.44
C ASP B 345 9.83 8.07 35.15
N ALA B 346 10.20 7.00 34.44
CA ALA B 346 10.34 5.62 34.98
C ALA B 346 11.19 4.78 34.03
N ILE B 347 11.72 3.67 34.54
CA ILE B 347 12.58 2.72 33.78
C ILE B 347 12.02 1.30 34.00
N LEU B 348 11.75 0.58 32.91
CA LEU B 348 11.38 -0.86 32.95
C LEU B 348 12.46 -1.66 32.23
N VAL B 349 13.02 -2.67 32.90
CA VAL B 349 13.96 -3.66 32.31
C VAL B 349 13.21 -4.99 32.20
N PRO B 350 12.82 -5.41 30.97
CA PRO B 350 12.02 -6.62 30.79
C PRO B 350 12.86 -7.90 30.77
N GLY B 351 12.24 -9.04 30.44
CA GLY B 351 12.87 -10.37 30.39
C GLY B 351 13.87 -10.50 29.26
N GLY B 352 14.72 -11.53 29.33
CA GLY B 352 15.74 -11.85 28.31
C GLY B 352 16.68 -12.94 28.78
N PHE B 353 17.40 -13.56 27.83
CA PHE B 353 18.41 -14.62 28.05
C PHE B 353 19.71 -14.23 27.34
N GLY B 354 20.86 -14.74 27.81
CA GLY B 354 22.19 -14.43 27.25
C GLY B 354 22.77 -13.17 27.84
N TYR B 355 24.11 -13.06 27.86
CA TYR B 355 24.86 -11.99 28.56
C TYR B 355 24.85 -10.69 27.74
N ARG B 356 24.60 -10.78 26.43
CA ARG B 356 24.60 -9.61 25.51
C ARG B 356 23.63 -8.55 26.04
N GLY B 357 24.14 -7.36 26.39
CA GLY B 357 23.35 -6.19 26.80
C GLY B 357 22.98 -6.19 28.28
N VAL B 358 23.40 -7.21 29.04
CA VAL B 358 23.03 -7.39 30.48
C VAL B 358 23.73 -6.33 31.33
N GLU B 359 25.01 -6.05 31.08
CA GLU B 359 25.81 -5.07 31.87
C GLU B 359 25.18 -3.68 31.74
N GLY B 360 24.68 -3.33 30.56
CA GLY B 360 23.91 -2.10 30.30
C GLY B 360 22.66 -2.03 31.17
N MET B 361 21.99 -3.16 31.38
CA MET B 361 20.76 -3.28 32.22
C MET B 361 21.14 -3.12 33.70
N ILE B 362 22.28 -3.68 34.12
CA ILE B 362 22.80 -3.56 35.51
C ILE B 362 23.12 -2.08 35.79
N THR B 363 23.79 -1.41 34.83
CA THR B 363 24.07 0.05 34.86
C THR B 363 22.75 0.83 34.92
N THR B 364 21.75 0.40 34.15
CA THR B 364 20.40 1.02 34.07
C THR B 364 19.71 0.92 35.45
N ALA B 365 19.73 -0.27 36.07
CA ALA B 365 19.13 -0.53 37.40
C ALA B 365 19.82 0.34 38.45
N ARG B 366 21.14 0.51 38.35
CA ARG B 366 21.96 1.36 39.25
C ARG B 366 21.48 2.81 39.15
N PHE B 367 21.36 3.32 37.91
CA PHE B 367 20.93 4.72 37.61
C PHE B 367 19.54 4.98 38.21
N ALA B 368 18.59 4.06 37.97
CA ALA B 368 17.19 4.15 38.46
C ALA B 368 17.18 4.21 39.99
N ARG B 369 18.00 3.37 40.65
CA ARG B 369 18.07 3.25 42.13
C ARG B 369 18.69 4.54 42.72
N GLU B 370 19.85 4.95 42.20
CA GLU B 370 20.67 6.05 42.76
C GLU B 370 19.98 7.41 42.56
N ASN B 371 19.21 7.58 41.48
CA ASN B 371 18.56 8.86 41.12
C ASN B 371 17.06 8.83 41.47
N ASN B 372 16.62 7.81 42.22
CA ASN B 372 15.23 7.67 42.74
C ASN B 372 14.22 7.76 41.59
N ILE B 373 14.55 7.17 40.44
CA ILE B 373 13.64 7.05 39.26
C ILE B 373 12.86 5.75 39.40
N PRO B 374 11.51 5.77 39.39
CA PRO B 374 10.71 4.55 39.46
C PRO B 374 11.24 3.44 38.53
N TYR B 375 11.34 2.22 39.08
CA TYR B 375 11.92 1.03 38.40
C TYR B 375 11.00 -0.18 38.55
N LEU B 376 10.72 -0.86 37.43
CA LEU B 376 10.10 -2.21 37.40
C LEU B 376 11.03 -3.15 36.62
N GLY B 377 11.49 -4.21 37.26
CA GLY B 377 12.32 -5.27 36.64
C GLY B 377 11.53 -6.56 36.51
N ILE B 378 11.45 -7.11 35.30
CA ILE B 378 10.72 -8.40 35.03
C ILE B 378 11.76 -9.46 34.66
N CYS B 379 11.84 -10.52 35.47
CA CYS B 379 12.70 -11.72 35.29
C CYS B 379 14.17 -11.28 35.22
N LEU B 380 14.74 -11.11 34.03
CA LEU B 380 16.12 -10.58 33.84
C LEU B 380 16.21 -9.18 34.49
N GLY B 381 15.13 -8.42 34.44
CA GLY B 381 15.00 -7.09 35.10
C GLY B 381 15.24 -7.15 36.60
N MET B 382 14.84 -8.25 37.25
N MET B 382 14.85 -8.26 37.24
CA MET B 382 15.07 -8.49 38.70
CA MET B 382 15.05 -8.52 38.69
C MET B 382 16.51 -8.96 38.92
C MET B 382 16.49 -9.00 38.95
N GLN B 383 17.00 -9.87 38.07
CA GLN B 383 18.39 -10.40 38.15
C GLN B 383 19.38 -9.22 38.18
N VAL B 384 19.26 -8.30 37.21
CA VAL B 384 20.19 -7.15 37.05
C VAL B 384 20.05 -6.20 38.24
N ALA B 385 18.85 -6.10 38.83
CA ALA B 385 18.56 -5.29 40.03
C ALA B 385 19.24 -5.91 41.25
N LEU B 386 19.22 -7.24 41.37
CA LEU B 386 19.88 -7.99 42.47
C LEU B 386 21.40 -7.90 42.33
N ILE B 387 21.90 -8.04 41.10
CA ILE B 387 23.35 -7.92 40.75
C ILE B 387 23.81 -6.49 41.06
N ASP B 388 23.05 -5.48 40.64
CA ASP B 388 23.32 -4.05 40.91
C ASP B 388 23.51 -3.84 42.42
N TYR B 389 22.54 -4.27 43.21
CA TYR B 389 22.50 -4.06 44.68
C TYR B 389 23.63 -4.87 45.35
N ALA B 390 23.89 -6.08 44.85
CA ALA B 390 24.96 -6.97 45.33
C ALA B 390 26.32 -6.27 45.17
N ARG B 391 26.61 -5.78 43.96
CA ARG B 391 27.91 -5.16 43.58
C ARG B 391 28.12 -3.85 44.34
N HIS B 392 27.14 -2.95 44.32
CA HIS B 392 27.32 -1.50 44.61
C HIS B 392 26.82 -1.12 46.01
N VAL B 393 26.14 -2.01 46.73
CA VAL B 393 25.63 -1.74 48.11
C VAL B 393 26.12 -2.83 49.08
N ALA B 394 25.99 -4.10 48.71
CA ALA B 394 26.38 -5.27 49.55
C ALA B 394 27.88 -5.58 49.40
N ASN B 395 28.58 -4.84 48.53
CA ASN B 395 30.05 -4.93 48.32
C ASN B 395 30.44 -6.36 47.92
N MET B 396 29.68 -6.95 46.99
CA MET B 396 30.00 -8.25 46.34
C MET B 396 30.54 -7.97 44.94
N GLU B 397 31.81 -7.58 44.83
CA GLU B 397 32.46 -7.17 43.56
C GLU B 397 32.31 -8.29 42.53
N ASN B 398 31.92 -7.94 41.30
CA ASN B 398 31.80 -8.86 40.13
C ASN B 398 30.67 -9.88 40.35
N ALA B 399 29.73 -9.61 41.26
CA ALA B 399 28.51 -10.43 41.46
C ALA B 399 27.77 -10.55 40.12
N ASN B 400 27.28 -11.74 39.79
CA ASN B 400 26.70 -12.02 38.45
C ASN B 400 25.81 -13.28 38.52
N SER B 401 25.18 -13.62 37.39
CA SER B 401 24.46 -14.90 37.17
C SER B 401 25.44 -15.93 36.58
N THR B 402 25.27 -17.20 36.94
CA THR B 402 26.04 -18.35 36.38
C THR B 402 25.71 -18.51 34.89
N GLU B 403 24.56 -17.99 34.44
CA GLU B 403 24.15 -17.95 33.02
C GLU B 403 25.19 -17.18 32.20
N PHE B 404 25.76 -16.13 32.79
CA PHE B 404 26.61 -15.12 32.10
C PHE B 404 28.10 -15.37 32.41
N VAL B 405 28.44 -15.55 33.69
CA VAL B 405 29.83 -15.84 34.16
C VAL B 405 29.74 -17.04 35.11
N PRO B 406 29.84 -18.28 34.58
CA PRO B 406 29.61 -19.50 35.39
C PRO B 406 30.43 -19.60 36.68
N ASP B 407 31.69 -19.14 36.64
CA ASP B 407 32.68 -19.32 37.75
C ASP B 407 32.99 -17.96 38.39
N CYS B 408 31.97 -17.14 38.63
CA CYS B 408 32.05 -15.88 39.40
C CYS B 408 32.03 -16.21 40.90
N LYS B 409 32.69 -15.40 41.72
CA LYS B 409 32.85 -15.63 43.18
C LYS B 409 31.47 -15.53 43.87
N TYR B 410 30.67 -14.55 43.46
CA TYR B 410 29.32 -14.25 44.01
C TYR B 410 28.25 -14.53 42.95
N PRO B 411 27.89 -15.82 42.72
CA PRO B 411 26.76 -16.15 41.85
C PRO B 411 25.43 -15.90 42.58
N VAL B 412 25.02 -14.62 42.64
CA VAL B 412 23.78 -14.16 43.34
C VAL B 412 22.55 -14.74 42.61
N VAL B 413 22.68 -14.97 41.29
CA VAL B 413 21.66 -15.67 40.45
C VAL B 413 22.32 -16.94 39.90
N ALA B 414 21.65 -18.09 40.03
CA ALA B 414 22.15 -19.40 39.56
C ALA B 414 21.02 -20.43 39.60
N LEU B 415 21.19 -21.53 38.85
CA LEU B 415 20.33 -22.73 38.95
C LEU B 415 20.39 -23.23 40.40
N ILE B 416 19.31 -23.83 40.91
CA ILE B 416 19.22 -24.34 42.30
C ILE B 416 20.36 -25.35 42.54
N THR B 417 20.72 -26.14 41.53
CA THR B 417 21.74 -27.22 41.58
C THR B 417 23.16 -26.63 41.49
N GLU B 418 23.30 -25.32 41.24
CA GLU B 418 24.61 -24.60 41.16
C GLU B 418 24.84 -23.76 42.42
N TRP B 419 23.81 -23.58 43.27
CA TRP B 419 23.86 -22.69 44.46
C TRP B 419 25.12 -22.98 45.28
N ARG B 420 26.00 -21.97 45.40
CA ARG B 420 27.23 -21.99 46.23
C ARG B 420 27.44 -20.60 46.84
N ASP B 421 28.17 -20.52 47.96
CA ASP B 421 28.55 -19.23 48.60
C ASP B 421 29.89 -18.76 48.00
N GLU B 422 30.47 -17.71 48.57
CA GLU B 422 31.72 -17.06 48.08
C GLU B 422 32.93 -18.00 48.26
N ASN B 423 32.87 -18.91 49.23
CA ASN B 423 33.96 -19.86 49.59
C ASN B 423 33.85 -21.15 48.77
N GLY B 424 32.69 -21.39 48.13
CA GLY B 424 32.44 -22.56 47.28
C GLY B 424 31.68 -23.66 48.02
N ASN B 425 31.12 -23.35 49.20
CA ASN B 425 30.31 -24.28 50.01
C ASN B 425 28.91 -24.37 49.38
N VAL B 426 28.18 -25.46 49.65
CA VAL B 426 26.86 -25.78 49.03
C VAL B 426 25.88 -26.21 50.13
N GLU B 427 24.61 -26.39 49.78
CA GLU B 427 23.53 -26.83 50.71
C GLU B 427 23.53 -28.37 50.78
N VAL B 428 22.74 -28.94 51.70
CA VAL B 428 22.55 -30.41 51.90
C VAL B 428 23.85 -31.00 52.42
N GLY B 437 13.70 -30.82 36.52
CA GLY B 437 12.95 -29.75 35.85
C GLY B 437 13.15 -28.41 36.53
N THR B 438 14.32 -27.78 36.30
CA THR B 438 14.69 -26.43 36.83
C THR B 438 13.84 -25.33 36.16
N MET B 439 13.41 -25.57 34.92
N MET B 439 13.41 -25.57 34.91
CA MET B 439 12.61 -24.63 34.08
CA MET B 439 12.63 -24.59 34.10
C MET B 439 11.21 -24.47 34.71
C MET B 439 11.22 -24.45 34.70
N ARG B 440 10.92 -23.28 35.27
CA ARG B 440 9.59 -22.95 35.87
C ARG B 440 8.72 -22.28 34.80
N LEU B 441 7.59 -22.90 34.46
CA LEU B 441 6.68 -22.45 33.37
C LEU B 441 5.23 -22.40 33.88
N GLY B 442 4.56 -21.27 33.69
CA GLY B 442 3.11 -21.12 33.90
C GLY B 442 2.77 -20.58 35.26
N ALA B 443 1.49 -20.65 35.63
CA ALA B 443 0.91 -20.07 36.86
C ALA B 443 1.52 -20.76 38.08
N GLN B 444 1.95 -19.96 39.06
CA GLN B 444 2.44 -20.44 40.38
C GLN B 444 2.06 -19.42 41.45
N GLN B 445 1.61 -19.91 42.61
CA GLN B 445 1.24 -19.06 43.77
C GLN B 445 2.52 -18.42 44.32
N CYS B 446 2.43 -17.14 44.67
N CYS B 446 2.44 -17.14 44.67
CA CYS B 446 3.52 -16.33 45.31
CA CYS B 446 3.54 -16.36 45.32
C CYS B 446 2.98 -15.72 46.61
C CYS B 446 2.99 -15.72 46.61
N GLN B 447 3.72 -15.89 47.72
CA GLN B 447 3.36 -15.33 49.05
C GLN B 447 4.02 -13.96 49.19
N LEU B 448 3.24 -12.91 49.47
CA LEU B 448 3.71 -11.50 49.58
C LEU B 448 3.99 -11.18 51.06
N VAL B 449 5.01 -10.35 51.32
CA VAL B 449 5.50 -9.96 52.67
C VAL B 449 4.69 -8.76 53.16
N ASP B 450 4.32 -8.77 54.46
CA ASP B 450 3.31 -7.87 55.08
C ASP B 450 3.55 -6.40 54.73
N ASP B 451 4.78 -5.90 54.93
CA ASP B 451 5.12 -4.47 54.71
C ASP B 451 5.97 -4.35 53.44
N SER B 452 5.31 -4.45 52.28
CA SER B 452 5.90 -4.27 50.92
C SER B 452 4.94 -3.47 50.06
N LEU B 453 5.48 -2.71 49.08
CA LEU B 453 4.70 -2.04 48.02
C LEU B 453 3.70 -3.03 47.42
N VAL B 454 4.19 -4.20 47.00
CA VAL B 454 3.41 -5.21 46.20
C VAL B 454 2.23 -5.73 47.04
N ARG B 455 2.43 -5.96 48.34
CA ARG B 455 1.37 -6.45 49.26
C ARG B 455 0.17 -5.49 49.24
N GLN B 456 0.42 -4.17 49.13
CA GLN B 456 -0.64 -3.12 49.15
C GLN B 456 -1.14 -2.82 47.73
N LEU B 457 -0.36 -3.16 46.69
CA LEU B 457 -0.79 -3.02 45.28
C LEU B 457 -1.76 -4.17 44.95
N TYR B 458 -1.35 -5.41 45.25
CA TYR B 458 -2.13 -6.65 44.98
C TYR B 458 -3.27 -6.80 46.00
N ASN B 459 -3.13 -6.20 47.19
CA ASN B 459 -4.16 -6.17 48.26
C ASN B 459 -4.57 -7.61 48.62
N ALA B 460 -3.61 -8.53 48.70
CA ALA B 460 -3.83 -9.95 49.07
C ALA B 460 -2.52 -10.55 49.59
N PRO B 461 -2.58 -11.55 50.50
CA PRO B 461 -1.37 -12.22 50.99
C PRO B 461 -0.70 -13.10 49.92
N THR B 462 -1.50 -13.72 49.04
CA THR B 462 -1.03 -14.59 47.93
C THR B 462 -1.54 -14.06 46.59
N ILE B 463 -0.76 -14.28 45.54
CA ILE B 463 -1.11 -13.95 44.12
C ILE B 463 -0.72 -15.14 43.24
N VAL B 464 -1.27 -15.21 42.04
CA VAL B 464 -0.90 -16.18 40.99
C VAL B 464 -0.37 -15.40 39.78
N GLU B 465 0.89 -15.64 39.39
CA GLU B 465 1.53 -15.05 38.19
C GLU B 465 2.27 -16.16 37.43
N ARG B 466 2.69 -15.87 36.20
CA ARG B 466 3.25 -16.88 35.26
C ARG B 466 4.77 -16.71 35.13
N HIS B 467 5.49 -17.82 35.19
CA HIS B 467 6.98 -17.90 35.11
C HIS B 467 7.41 -18.40 33.73
N ARG B 468 8.61 -18.01 33.31
CA ARG B 468 9.39 -18.64 32.22
C ARG B 468 10.87 -18.36 32.45
N HIS B 469 11.50 -19.16 33.32
CA HIS B 469 12.91 -19.00 33.74
C HIS B 469 13.38 -20.25 34.50
N ARG B 470 14.69 -20.50 34.51
CA ARG B 470 15.36 -21.57 35.27
C ARG B 470 16.33 -20.96 36.30
N TYR B 471 16.87 -19.78 36.04
CA TYR B 471 17.90 -19.10 36.88
C TYR B 471 17.23 -18.38 38.05
N GLU B 472 17.53 -18.82 39.28
CA GLU B 472 16.88 -18.39 40.54
C GLU B 472 17.83 -17.49 41.34
N VAL B 473 17.27 -16.71 42.27
CA VAL B 473 18.05 -15.96 43.30
C VAL B 473 18.74 -16.99 44.21
N ASN B 474 20.05 -16.89 44.38
CA ASN B 474 20.88 -17.79 45.21
C ASN B 474 20.60 -17.49 46.69
N ASN B 475 19.86 -18.39 47.37
CA ASN B 475 19.47 -18.22 48.80
C ASN B 475 20.73 -18.19 49.67
N MET B 476 21.84 -18.79 49.22
CA MET B 476 23.11 -18.90 50.00
C MET B 476 23.78 -17.52 50.14
N LEU B 477 23.56 -16.61 49.18
CA LEU B 477 24.16 -15.25 49.17
C LEU B 477 23.12 -14.18 49.51
N LEU B 478 21.84 -14.57 49.68
CA LEU B 478 20.69 -13.63 49.84
C LEU B 478 20.81 -12.86 51.15
N LYS B 479 21.02 -13.56 52.27
CA LYS B 479 21.02 -13.00 53.66
C LYS B 479 21.96 -11.79 53.73
N GLN B 480 23.12 -11.86 53.08
CA GLN B 480 24.14 -10.77 53.07
C GLN B 480 23.57 -9.56 52.32
N ILE B 481 22.82 -9.78 51.24
CA ILE B 481 22.21 -8.69 50.41
C ILE B 481 21.04 -8.08 51.20
N GLU B 482 20.28 -8.89 51.92
CA GLU B 482 19.17 -8.44 52.81
C GLU B 482 19.72 -7.51 53.89
N ASP B 483 20.86 -7.85 54.48
CA ASP B 483 21.55 -7.07 55.55
C ASP B 483 21.97 -5.70 54.99
N ALA B 484 22.30 -5.62 53.70
CA ALA B 484 22.76 -4.39 53.01
C ALA B 484 21.56 -3.49 52.66
N GLY B 485 20.32 -3.94 52.91
CA GLY B 485 19.11 -3.09 52.86
C GLY B 485 18.05 -3.57 51.87
N LEU B 486 18.40 -4.51 50.98
CA LEU B 486 17.44 -5.09 50.00
C LEU B 486 16.35 -5.86 50.76
N ARG B 487 15.10 -5.71 50.33
CA ARG B 487 13.91 -6.35 50.95
C ARG B 487 13.37 -7.43 50.00
N VAL B 488 13.16 -8.64 50.52
CA VAL B 488 12.38 -9.71 49.83
C VAL B 488 10.90 -9.43 50.06
N ALA B 489 10.15 -9.20 48.98
CA ALA B 489 8.72 -8.81 49.00
C ALA B 489 7.82 -10.01 48.69
N GLY B 490 8.37 -11.05 48.06
CA GLY B 490 7.60 -12.21 47.60
C GLY B 490 8.45 -13.46 47.47
N ARG B 491 7.90 -14.61 47.88
N ARG B 491 7.90 -14.61 47.88
CA ARG B 491 8.55 -15.94 47.82
CA ARG B 491 8.55 -15.94 47.81
C ARG B 491 7.51 -16.97 47.36
C ARG B 491 7.52 -16.97 47.33
N SER B 492 7.97 -18.19 47.01
CA SER B 492 7.11 -19.30 46.53
C SER B 492 7.76 -20.66 46.80
N GLY B 493 6.94 -21.71 46.92
CA GLY B 493 7.37 -23.12 46.90
C GLY B 493 8.03 -23.56 48.18
N ASP B 494 8.44 -24.83 48.24
CA ASP B 494 9.11 -25.47 49.41
C ASP B 494 10.52 -24.90 49.56
N ASP B 495 11.19 -24.61 48.43
CA ASP B 495 12.58 -24.08 48.39
C ASP B 495 12.57 -22.57 48.66
N GLN B 496 11.40 -21.98 48.97
CA GLN B 496 11.24 -20.55 49.35
C GLN B 496 12.07 -19.69 48.39
N LEU B 497 11.85 -19.87 47.08
CA LEU B 497 12.55 -19.12 46.00
C LEU B 497 12.09 -17.67 46.03
N VAL B 498 13.01 -16.71 45.87
CA VAL B 498 12.71 -15.25 45.87
C VAL B 498 11.97 -14.92 44.57
N GLU B 499 10.76 -14.37 44.68
CA GLU B 499 9.86 -14.02 43.55
C GLU B 499 9.89 -12.50 43.31
N ILE B 500 9.88 -11.70 44.37
CA ILE B 500 9.85 -10.21 44.30
C ILE B 500 10.88 -9.62 45.27
N ILE B 501 11.60 -8.59 44.83
CA ILE B 501 12.53 -7.77 45.67
C ILE B 501 12.12 -6.30 45.55
N GLU B 502 12.40 -5.51 46.58
CA GLU B 502 12.14 -4.05 46.65
C GLU B 502 13.35 -3.36 47.29
N VAL B 503 13.70 -2.16 46.81
CA VAL B 503 14.66 -1.22 47.48
C VAL B 503 13.84 -0.20 48.26
N PRO B 504 13.71 -0.34 49.59
CA PRO B 504 12.76 0.46 50.36
C PRO B 504 13.08 1.97 50.46
N ASN B 505 14.36 2.37 50.32
CA ASN B 505 14.81 3.79 50.38
C ASN B 505 14.70 4.42 48.98
N HIS B 506 13.52 4.32 48.38
CA HIS B 506 13.25 4.66 46.96
C HIS B 506 11.73 4.84 46.78
N PRO B 507 11.27 5.85 46.01
CA PRO B 507 9.83 6.06 45.84
C PRO B 507 9.10 4.81 45.34
N TRP B 508 9.63 4.15 44.31
CA TRP B 508 9.02 2.93 43.70
C TRP B 508 10.10 2.12 42.97
N PHE B 509 10.63 1.09 43.64
CA PHE B 509 11.61 0.13 43.08
C PHE B 509 11.13 -1.29 43.38
N VAL B 510 10.54 -1.94 42.37
CA VAL B 510 10.00 -3.32 42.46
C VAL B 510 10.57 -4.14 41.29
N ALA B 511 10.88 -5.40 41.53
CA ALA B 511 11.33 -6.35 40.48
C ALA B 511 10.88 -7.77 40.86
N CYS B 512 10.37 -8.50 39.87
CA CYS B 512 9.72 -9.83 40.05
C CYS B 512 10.32 -10.84 39.07
N GLN B 513 10.35 -12.11 39.45
CA GLN B 513 10.79 -13.24 38.60
C GLN B 513 9.74 -13.51 37.52
N PHE B 514 8.47 -13.53 37.91
CA PHE B 514 7.31 -13.86 37.04
C PHE B 514 7.10 -12.75 36.02
N HIS B 515 6.21 -13.01 35.04
CA HIS B 515 5.87 -12.09 33.92
C HIS B 515 4.47 -11.54 34.15
N PRO B 516 4.33 -10.43 34.90
CA PRO B 516 3.00 -9.89 35.23
C PRO B 516 2.25 -9.38 33.99
N GLU B 517 3.00 -9.02 32.94
CA GLU B 517 2.45 -8.53 31.65
C GLU B 517 1.48 -9.56 31.05
N PHE B 518 1.64 -10.85 31.35
CA PHE B 518 0.82 -11.95 30.76
C PHE B 518 -0.57 -12.02 31.40
N THR B 519 -0.81 -11.34 32.54
CA THR B 519 -2.12 -11.33 33.23
C THR B 519 -2.74 -9.92 33.19
N SER B 520 -2.08 -8.95 32.54
CA SER B 520 -2.61 -7.59 32.33
C SER B 520 -3.60 -7.60 31.16
N THR B 521 -4.76 -6.97 31.33
CA THR B 521 -5.78 -6.76 30.26
C THR B 521 -6.13 -5.28 30.22
N PRO B 522 -6.62 -4.75 29.07
CA PRO B 522 -7.06 -3.35 29.00
C PRO B 522 -8.27 -3.06 29.91
N ARG B 523 -9.14 -4.04 30.12
CA ARG B 523 -10.40 -3.88 30.89
C ARG B 523 -10.13 -3.93 32.40
N ASP B 524 -9.30 -4.88 32.86
CA ASP B 524 -9.06 -5.16 34.29
C ASP B 524 -7.71 -4.57 34.74
N GLY B 525 -6.85 -4.16 33.80
CA GLY B 525 -5.52 -3.60 34.10
C GLY B 525 -4.64 -4.60 34.81
N HIS B 526 -3.67 -4.12 35.59
CA HIS B 526 -2.79 -4.95 36.45
C HIS B 526 -2.29 -4.11 37.63
N PRO B 527 -2.41 -4.60 38.88
CA PRO B 527 -2.09 -3.80 40.07
C PRO B 527 -0.66 -3.25 40.08
N LEU B 528 0.30 -4.05 39.60
CA LEU B 528 1.75 -3.73 39.61
C LEU B 528 2.05 -2.62 38.58
N PHE B 529 1.52 -2.75 37.36
CA PHE B 529 1.74 -1.78 36.25
C PHE B 529 1.01 -0.47 36.56
N ALA B 530 -0.20 -0.55 37.11
CA ALA B 530 -0.99 0.63 37.57
C ALA B 530 -0.16 1.40 38.59
N GLY B 531 0.42 0.71 39.57
CA GLY B 531 1.30 1.28 40.61
C GLY B 531 2.55 1.90 40.01
N PHE B 532 3.19 1.22 39.06
CA PHE B 532 4.42 1.66 38.37
C PHE B 532 4.16 2.97 37.61
N VAL B 533 3.08 3.01 36.82
CA VAL B 533 2.70 4.20 35.99
C VAL B 533 2.31 5.36 36.90
N LYS B 534 1.64 5.07 38.02
CA LYS B 534 1.28 6.09 39.06
C LYS B 534 2.57 6.71 39.61
N ALA B 535 3.53 5.87 40.02
CA ALA B 535 4.85 6.27 40.55
C ALA B 535 5.57 7.14 39.50
N ALA B 536 5.47 6.78 38.22
CA ALA B 536 6.05 7.52 37.08
C ALA B 536 5.41 8.91 37.00
N SER B 537 4.08 9.00 37.15
CA SER B 537 3.29 10.25 37.12
C SER B 537 3.71 11.16 38.29
N GLU B 538 3.90 10.57 39.48
CA GLU B 538 4.28 11.30 40.72
C GLU B 538 5.70 11.86 40.58
N PHE B 539 6.64 11.07 40.02
CA PHE B 539 8.03 11.51 39.73
C PHE B 539 8.01 12.67 38.73
N GLN B 540 7.17 12.58 37.70
CA GLN B 540 7.04 13.59 36.61
C GLN B 540 6.66 14.95 37.23
N LYS B 541 5.62 14.96 38.07
CA LYS B 541 5.12 16.17 38.77
C LYS B 541 6.18 16.68 39.75
N ARG B 542 6.64 15.81 40.65
CA ARG B 542 7.72 16.08 41.65
C ARG B 542 8.87 16.82 40.96
N GLN B 543 9.20 16.44 39.72
CA GLN B 543 10.15 17.15 38.83
C GLN B 543 9.39 18.22 38.04
#